data_5L94
#
_entry.id   5L94
#
_cell.length_a   60.359
_cell.length_b   134.922
_cell.length_c   61.870
_cell.angle_alpha   90.000
_cell.angle_beta   113.830
_cell.angle_gamma   90.000
#
_symmetry.space_group_name_H-M   'P 1 21 1'
#
loop_
_entity.id
_entity.type
_entity.pdbx_description
1 polymer 'Cytochrome P450'
2 non-polymer 'PROTOPORPHYRIN IX CONTAINING FE'
3 non-polymer TESTOSTERONE
4 water water
#
_entity_poly.entity_id   1
_entity_poly.type   'polypeptide(L)'
_entity_poly.pdbx_seq_one_letter_code
;MKTERENGIVRQVNTIQTKEERFNPFSWYEEMRNTAPVQWDEERQVWDVFHYDGVKEVLEQKNIFSSDRRPPQNQRQTAL
GTSLINIDPPKHAEMRALVNKAFTPKAMKAWEPKIARITNELLQEVEHLEDIDIVEHLSYPLPVMVIADILGVPIEDQRQ
FKDWSDIIVAGPSNNERETLEKLQQEKMKANDELETYFYRIIEEKRTRPGDDIISVLLQAKEEGKQLTDEEIVGFSILLL
IAGNETTTNLISNTIYCLMEDKASFERLKREKELLPSGIEEVLRYRSPVQALHRIVKEDVTLAGKKLKAGEHVVPWMGSA
HRDAEYFEDPEVFKIDRKPNVHMAFGRGIHFCLGAPLARIEAKIMLAELIDRYPQMDWSPSFELKPIESTFVYGLKELLI
RKNVHHHHHH
;
_entity_poly.pdbx_strand_id   A,B
#
loop_
_chem_comp.id
_chem_comp.type
_chem_comp.name
_chem_comp.formula
HEM non-polymer 'PROTOPORPHYRIN IX CONTAINING FE' 'C34 H32 Fe N4 O4'
TES non-polymer TESTOSTERONE 'C19 H28 O2'
#
# COMPACT_ATOMS: atom_id res chain seq x y z
N GLN A 17 -28.77 -19.82 17.40
CA GLN A 17 -28.88 -19.93 15.92
C GLN A 17 -27.47 -20.12 15.32
N THR A 18 -27.29 -21.15 14.49
CA THR A 18 -25.97 -21.41 13.91
C THR A 18 -25.50 -20.20 13.10
N LYS A 19 -24.21 -20.18 12.80
CA LYS A 19 -23.65 -19.09 12.02
C LYS A 19 -24.34 -19.02 10.66
N GLU A 20 -24.53 -20.19 10.04
CA GLU A 20 -25.27 -20.32 8.79
C GLU A 20 -26.54 -19.46 8.78
N GLU A 21 -27.31 -19.52 9.87
CA GLU A 21 -28.57 -18.79 9.93
C GLU A 21 -28.35 -17.29 10.14
N ARG A 22 -27.39 -16.91 11.00
CA ARG A 22 -27.07 -15.49 11.16
C ARG A 22 -26.59 -14.83 9.87
N PHE A 23 -26.05 -15.62 8.92
CA PHE A 23 -25.76 -15.08 7.61
C PHE A 23 -26.95 -15.16 6.68
N ASN A 24 -28.03 -15.81 7.10
CA ASN A 24 -29.25 -15.92 6.31
C ASN A 24 -30.44 -15.52 7.15
N PRO A 25 -30.57 -14.24 7.49
CA PRO A 25 -31.81 -13.81 8.14
C PRO A 25 -32.99 -13.67 7.20
N PHE A 26 -32.88 -14.07 5.93
CA PHE A 26 -33.91 -13.71 4.94
C PHE A 26 -35.18 -14.54 5.08
N SER A 27 -35.12 -15.64 5.81
CA SER A 27 -36.32 -16.45 6.06
C SER A 27 -37.17 -15.82 7.14
N TRP A 28 -36.54 -15.30 8.20
CA TRP A 28 -37.27 -14.53 9.21
C TRP A 28 -37.84 -13.26 8.62
N TYR A 29 -37.08 -12.58 7.75
CA TYR A 29 -37.60 -11.40 7.08
C TYR A 29 -38.90 -11.74 6.36
N GLU A 30 -38.87 -12.80 5.53
CA GLU A 30 -40.04 -13.23 4.76
C GLU A 30 -41.22 -13.55 5.66
N GLU A 31 -40.96 -14.28 6.74
CA GLU A 31 -42.02 -14.69 7.65
C GLU A 31 -42.75 -13.47 8.22
N MET A 32 -42.01 -12.41 8.56
CA MET A 32 -42.62 -11.24 9.18
C MET A 32 -43.34 -10.37 8.16
N ARG A 33 -42.75 -10.18 6.98
CA ARG A 33 -43.44 -9.45 5.92
C ARG A 33 -44.84 -10.02 5.64
N ASN A 34 -44.99 -11.35 5.69
CA ASN A 34 -46.27 -11.99 5.41
C ASN A 34 -47.07 -12.33 6.68
N THR A 35 -46.82 -11.68 7.78
CA THR A 35 -47.71 -11.86 8.92
C THR A 35 -47.98 -10.52 9.60
N ALA A 36 -46.90 -9.74 9.82
CA ALA A 36 -46.95 -8.45 10.48
C ALA A 36 -45.71 -7.66 10.09
N PRO A 37 -45.76 -6.88 9.01
CA PRO A 37 -44.56 -6.17 8.57
C PRO A 37 -44.10 -5.09 9.52
N VAL A 38 -44.98 -4.67 10.45
CA VAL A 38 -44.65 -3.77 11.55
C VAL A 38 -45.11 -4.43 12.84
N GLN A 39 -44.17 -4.72 13.74
CA GLN A 39 -44.57 -5.31 15.00
C GLN A 39 -43.57 -4.95 16.09
N TRP A 40 -44.12 -4.88 17.30
CA TRP A 40 -43.37 -4.52 18.48
C TRP A 40 -42.77 -5.78 19.04
N ASP A 41 -41.48 -5.73 19.29
CA ASP A 41 -40.73 -6.85 19.83
C ASP A 41 -40.49 -6.59 21.31
N GLU A 42 -41.19 -7.35 22.14
CA GLU A 42 -41.10 -7.19 23.59
C GLU A 42 -39.66 -7.31 24.08
N GLU A 43 -38.99 -8.40 23.73
CA GLU A 43 -37.62 -8.63 24.19
C GLU A 43 -36.72 -7.46 23.84
N ARG A 44 -36.71 -7.04 22.58
CA ARG A 44 -35.76 -6.00 22.16
C ARG A 44 -36.31 -4.60 22.29
N GLN A 45 -37.62 -4.45 22.53
CA GLN A 45 -38.16 -3.13 22.87
C GLN A 45 -38.03 -2.16 21.69
N VAL A 46 -38.35 -2.64 20.49
CA VAL A 46 -38.34 -1.83 19.29
C VAL A 46 -39.55 -2.20 18.44
N TRP A 47 -39.95 -1.26 17.59
CA TRP A 47 -40.78 -1.64 16.45
C TRP A 47 -39.88 -2.10 15.30
N ASP A 48 -40.10 -3.32 14.82
CA ASP A 48 -39.44 -3.86 13.61
C ASP A 48 -40.30 -3.48 12.44
N VAL A 49 -39.70 -2.91 11.40
CA VAL A 49 -40.40 -2.59 10.17
C VAL A 49 -39.76 -3.34 9.01
N PHE A 50 -40.54 -4.20 8.36
CA PHE A 50 -40.03 -5.21 7.43
C PHE A 50 -40.44 -5.04 5.97
N HIS A 51 -41.58 -4.41 5.68
CA HIS A 51 -42.02 -4.27 4.30
C HIS A 51 -41.44 -3.03 3.64
N TYR A 52 -41.36 -3.08 2.33
CA TYR A 52 -40.66 -2.04 1.56
C TYR A 52 -41.21 -0.65 1.87
N ASP A 53 -42.52 -0.45 1.70
CA ASP A 53 -43.05 0.90 1.87
C ASP A 53 -42.82 1.42 3.28
N GLY A 54 -42.89 0.54 4.28
CA GLY A 54 -42.67 0.97 5.65
C GLY A 54 -41.23 1.38 5.87
N VAL A 55 -40.30 0.57 5.39
CA VAL A 55 -38.90 0.96 5.53
C VAL A 55 -38.69 2.32 4.86
N LYS A 56 -39.28 2.51 3.68
CA LYS A 56 -39.15 3.79 2.99
C LYS A 56 -39.74 4.95 3.80
N GLU A 57 -40.98 4.81 4.29
CA GLU A 57 -41.58 5.92 5.05
C GLU A 57 -40.74 6.26 6.29
N VAL A 58 -40.31 5.24 7.04
CA VAL A 58 -39.47 5.47 8.21
C VAL A 58 -38.24 6.30 7.85
N LEU A 59 -37.54 5.92 6.77
CA LEU A 59 -36.27 6.59 6.48
C LEU A 59 -36.48 7.99 5.93
N GLU A 60 -37.61 8.21 5.25
CA GLU A 60 -37.87 9.48 4.56
C GLU A 60 -38.46 10.50 5.52
N GLN A 61 -39.40 10.07 6.36
CA GLN A 61 -40.20 10.99 7.13
C GLN A 61 -39.43 11.39 8.38
N LYS A 62 -38.42 12.22 8.15
CA LYS A 62 -37.51 12.61 9.23
C LYS A 62 -38.18 13.46 10.30
N ASN A 63 -39.30 14.10 10.01
CA ASN A 63 -39.95 14.91 11.02
C ASN A 63 -40.83 14.05 11.91
N ILE A 64 -41.19 12.84 11.45
CA ILE A 64 -41.83 11.84 12.31
C ILE A 64 -40.79 10.95 13.00
N PHE A 65 -39.79 10.46 12.24
CA PHE A 65 -38.88 9.41 12.70
C PHE A 65 -37.48 10.00 12.80
N SER A 66 -37.03 10.23 14.02
CA SER A 66 -35.88 11.09 14.30
C SER A 66 -34.60 10.28 14.30
N SER A 67 -33.51 10.92 13.88
CA SER A 67 -32.18 10.30 13.94
C SER A 67 -31.39 10.65 15.20
N ASP A 68 -31.99 11.38 16.14
CA ASP A 68 -31.25 11.82 17.32
C ASP A 68 -31.22 10.71 18.35
N ARG A 69 -30.04 10.14 18.59
CA ARG A 69 -29.89 9.08 19.60
C ARG A 69 -29.69 9.77 20.93
N ARG A 70 -30.71 9.74 21.78
CA ARG A 70 -30.61 10.33 23.10
C ARG A 70 -30.17 9.27 24.10
N PRO A 71 -28.96 9.33 24.66
CA PRO A 71 -28.55 8.34 25.66
C PRO A 71 -29.04 8.66 27.08
N GLN A 75 -25.64 9.13 30.36
CA GLN A 75 -26.27 10.44 30.20
C GLN A 75 -25.27 11.48 29.69
N ARG A 76 -24.25 11.03 28.94
CA ARG A 76 -23.31 11.94 28.27
C ARG A 76 -23.33 11.69 26.78
N GLN A 77 -23.40 12.75 26.00
CA GLN A 77 -23.35 12.60 24.55
C GLN A 77 -21.91 12.41 24.09
N THR A 78 -21.75 11.72 22.98
CA THR A 78 -20.44 11.51 22.38
C THR A 78 -20.29 12.39 21.14
N ALA A 79 -19.04 12.64 20.77
CA ALA A 79 -18.83 13.38 19.52
C ALA A 79 -19.47 12.65 18.34
N LEU A 80 -19.45 11.33 18.34
CA LEU A 80 -20.16 10.59 17.29
C LEU A 80 -21.64 10.99 17.25
N GLY A 81 -22.26 11.17 18.43
CA GLY A 81 -23.65 11.62 18.56
C GLY A 81 -23.94 13.05 18.09
N THR A 82 -22.93 13.82 17.70
CA THR A 82 -23.19 15.11 17.09
C THR A 82 -22.97 15.10 15.59
N SER A 83 -22.61 13.97 15.00
CA SER A 83 -22.34 13.91 13.57
C SER A 83 -23.61 13.72 12.76
N LEU A 84 -23.43 13.80 11.44
CA LEU A 84 -24.54 13.83 10.49
C LEU A 84 -25.56 12.77 10.78
N ILE A 85 -25.10 11.56 11.07
CA ILE A 85 -25.99 10.42 11.19
C ILE A 85 -26.88 10.47 12.43
N ASN A 86 -26.54 11.31 13.40
CA ASN A 86 -27.29 11.40 14.67
C ASN A 86 -27.90 12.77 14.91
N ILE A 87 -28.09 13.59 13.87
CA ILE A 87 -28.70 14.90 14.02
C ILE A 87 -29.82 15.08 13.01
N ASP A 88 -30.84 15.86 13.40
CA ASP A 88 -32.06 16.17 12.65
C ASP A 88 -31.97 17.55 12.01
N PRO A 89 -32.88 17.88 11.07
CA PRO A 89 -32.94 19.29 10.67
C PRO A 89 -33.26 20.18 11.89
N PRO A 90 -32.84 21.47 11.86
CA PRO A 90 -32.06 22.17 10.83
C PRO A 90 -30.55 21.93 10.86
N LYS A 91 -30.03 21.41 11.98
CA LYS A 91 -28.58 21.22 12.09
C LYS A 91 -28.02 20.27 11.03
N HIS A 92 -28.84 19.36 10.52
CA HIS A 92 -28.34 18.37 9.58
C HIS A 92 -27.95 19.03 8.26
N ALA A 93 -28.84 19.86 7.69
CA ALA A 93 -28.52 20.47 6.39
C ALA A 93 -27.28 21.37 6.45
N GLU A 94 -27.14 22.18 7.52
CA GLU A 94 -25.97 23.05 7.62
C GLU A 94 -24.70 22.23 7.68
N MET A 95 -24.75 21.06 8.28
CA MET A 95 -23.51 20.34 8.49
C MET A 95 -23.15 19.51 7.25
N ARG A 96 -24.17 18.88 6.66
CA ARG A 96 -24.01 18.19 5.38
C ARG A 96 -23.50 19.13 4.31
N ALA A 97 -23.99 20.37 4.28
CA ALA A 97 -23.58 21.32 3.26
C ALA A 97 -22.06 21.52 3.26
N LEU A 98 -21.42 21.53 4.44
CA LEU A 98 -19.99 21.80 4.48
C LEU A 98 -19.13 20.71 3.84
N VAL A 99 -19.68 19.54 3.56
CA VAL A 99 -18.84 18.41 3.20
C VAL A 99 -19.37 17.76 1.93
N ASN A 100 -20.53 18.20 1.46
CA ASN A 100 -21.18 17.58 0.28
C ASN A 100 -20.30 17.62 -0.95
N LYS A 101 -19.61 18.73 -1.20
CA LYS A 101 -18.87 18.83 -2.46
C LYS A 101 -17.66 17.91 -2.46
N ALA A 102 -17.16 17.54 -1.31
CA ALA A 102 -16.02 16.64 -1.32
C ALA A 102 -16.37 15.19 -1.67
N PHE A 103 -17.65 14.82 -1.83
CA PHE A 103 -18.02 13.40 -1.93
C PHE A 103 -18.98 13.12 -3.08
N THR A 104 -19.10 14.06 -4.03
CA THR A 104 -19.94 13.86 -5.19
C THR A 104 -19.32 12.83 -6.13
N PRO A 105 -20.10 12.28 -7.06
CA PRO A 105 -19.51 11.39 -8.08
C PRO A 105 -18.39 12.04 -8.86
N LYS A 106 -18.48 13.34 -9.16
CA LYS A 106 -17.36 14.00 -9.84
C LYS A 106 -16.15 14.11 -8.91
N ALA A 107 -16.36 14.58 -7.67
CA ALA A 107 -15.23 14.67 -6.75
C ALA A 107 -14.49 13.33 -6.67
N MET A 108 -15.23 12.24 -6.75
CA MET A 108 -14.67 10.90 -6.55
C MET A 108 -13.94 10.36 -7.77
N LYS A 109 -14.15 10.94 -8.96
CA LYS A 109 -13.43 10.48 -10.14
C LYS A 109 -11.92 10.69 -9.99
N ALA A 110 -11.53 11.75 -9.30
CA ALA A 110 -10.11 11.97 -9.03
C ALA A 110 -9.46 10.79 -8.32
N TRP A 111 -10.23 10.06 -7.51
CA TRP A 111 -9.64 8.99 -6.73
C TRP A 111 -9.56 7.66 -7.47
N GLU A 112 -10.21 7.51 -8.64
CA GLU A 112 -10.11 6.27 -9.38
C GLU A 112 -8.67 5.82 -9.58
N PRO A 113 -7.74 6.69 -9.95
CA PRO A 113 -6.36 6.22 -10.13
C PRO A 113 -5.68 5.80 -8.85
N LYS A 114 -5.79 6.58 -7.76
CA LYS A 114 -5.30 6.12 -6.45
C LYS A 114 -5.88 4.75 -6.07
N ILE A 115 -7.17 4.54 -6.28
CA ILE A 115 -7.78 3.27 -5.91
C ILE A 115 -7.18 2.14 -6.74
N ALA A 116 -7.01 2.36 -8.05
CA ALA A 116 -6.40 1.34 -8.89
C ALA A 116 -4.98 1.03 -8.43
N ARG A 117 -4.22 2.07 -8.10
CA ARG A 117 -2.87 1.87 -7.59
C ARG A 117 -2.88 1.07 -6.28
N ILE A 118 -3.77 1.45 -5.36
CA ILE A 118 -3.84 0.74 -4.09
C ILE A 118 -4.27 -0.71 -4.30
N THR A 119 -5.29 -0.93 -5.14
CA THR A 119 -5.67 -2.29 -5.50
C THR A 119 -4.46 -3.10 -5.99
N ASN A 120 -3.72 -2.58 -6.99
CA ASN A 120 -2.64 -3.38 -7.55
C ASN A 120 -1.48 -3.54 -6.57
N GLU A 121 -1.27 -2.57 -5.68
CA GLU A 121 -0.30 -2.74 -4.60
C GLU A 121 -0.68 -3.92 -3.73
N LEU A 122 -1.93 -3.95 -3.24
CA LEU A 122 -2.35 -5.01 -2.33
C LEU A 122 -2.33 -6.37 -3.04
N LEU A 123 -2.79 -6.41 -4.29
CA LEU A 123 -2.71 -7.66 -5.03
C LEU A 123 -1.26 -8.12 -5.13
N GLN A 124 -0.34 -7.20 -5.44
CA GLN A 124 1.07 -7.55 -5.59
C GLN A 124 1.62 -8.19 -4.31
N GLU A 125 1.21 -7.69 -3.14
CA GLU A 125 1.74 -8.21 -1.88
C GLU A 125 1.36 -9.66 -1.61
N VAL A 126 0.23 -10.14 -2.12
CA VAL A 126 -0.14 -11.55 -1.91
C VAL A 126 -0.04 -12.37 -3.19
N GLU A 127 0.65 -11.85 -4.21
CA GLU A 127 0.92 -12.62 -5.41
C GLU A 127 1.61 -13.94 -5.14
N HIS A 128 2.47 -14.02 -4.12
CA HIS A 128 3.15 -15.28 -3.86
C HIS A 128 2.24 -16.34 -3.25
N LEU A 129 1.00 -16.00 -2.88
CA LEU A 129 0.12 -16.94 -2.20
C LEU A 129 -0.83 -17.57 -3.21
N GLU A 130 -0.96 -18.89 -3.13
CA GLU A 130 -2.01 -19.61 -3.87
C GLU A 130 -3.39 -19.32 -3.26
N ASP A 131 -3.50 -19.35 -1.94
CA ASP A 131 -4.75 -19.12 -1.24
C ASP A 131 -4.69 -17.77 -0.55
N ILE A 132 -5.77 -16.99 -0.66
CA ILE A 132 -5.79 -15.68 -0.04
C ILE A 132 -7.11 -15.45 0.68
N ASP A 133 -7.02 -14.61 1.70
CA ASP A 133 -8.20 -14.14 2.41
C ASP A 133 -8.56 -12.80 1.79
N ILE A 134 -9.63 -12.80 1.00
CA ILE A 134 -10.14 -11.57 0.40
C ILE A 134 -10.25 -10.46 1.44
N VAL A 135 -10.64 -10.81 2.66
CA VAL A 135 -11.00 -9.77 3.63
C VAL A 135 -9.73 -9.08 4.13
N GLU A 136 -8.86 -9.86 4.77
CA GLU A 136 -7.61 -9.31 5.31
C GLU A 136 -6.77 -8.63 4.24
N HIS A 137 -6.61 -9.26 3.07
CA HIS A 137 -5.61 -8.80 2.13
C HIS A 137 -6.14 -7.78 1.13
N LEU A 138 -7.46 -7.69 0.95
CA LEU A 138 -8.01 -6.90 -0.15
C LEU A 138 -9.20 -6.03 0.27
N SER A 139 -10.34 -6.63 0.64
CA SER A 139 -11.53 -5.81 0.86
C SER A 139 -11.38 -4.92 2.10
N TYR A 140 -10.64 -5.35 3.10
CA TYR A 140 -10.54 -4.44 4.23
C TYR A 140 -9.47 -3.36 4.05
N PRO A 141 -8.26 -3.67 3.59
CA PRO A 141 -7.24 -2.61 3.50
C PRO A 141 -7.61 -1.46 2.57
N LEU A 142 -8.24 -1.73 1.44
CA LEU A 142 -8.34 -0.65 0.46
C LEU A 142 -9.20 0.48 0.99
N PRO A 143 -10.38 0.23 1.56
CA PRO A 143 -11.21 1.36 2.01
C PRO A 143 -10.62 2.12 3.20
N VAL A 144 -9.89 1.48 4.09
CA VAL A 144 -9.31 2.26 5.20
C VAL A 144 -8.12 3.08 4.69
N MET A 145 -7.41 2.58 3.69
CA MET A 145 -6.34 3.38 3.10
C MET A 145 -6.90 4.64 2.42
N VAL A 146 -8.00 4.51 1.69
CA VAL A 146 -8.63 5.69 1.12
C VAL A 146 -9.08 6.65 2.23
N ILE A 147 -9.80 6.14 3.23
CA ILE A 147 -10.40 7.04 4.22
C ILE A 147 -9.33 7.72 5.05
N ALA A 148 -8.20 7.04 5.27
CA ALA A 148 -7.08 7.64 5.97
C ALA A 148 -6.42 8.75 5.13
N ASP A 149 -6.36 8.58 3.81
CA ASP A 149 -5.90 9.67 2.94
C ASP A 149 -6.92 10.79 2.90
N ILE A 150 -8.22 10.47 2.93
CA ILE A 150 -9.26 11.51 2.97
C ILE A 150 -9.22 12.29 4.27
N LEU A 151 -9.02 11.60 5.39
CA LEU A 151 -8.94 12.28 6.67
C LEU A 151 -7.56 12.87 6.92
N GLY A 152 -6.54 12.31 6.27
CA GLY A 152 -5.18 12.76 6.49
C GLY A 152 -4.59 12.25 7.77
N VAL A 153 -4.85 11.00 8.12
CA VAL A 153 -4.25 10.42 9.33
C VAL A 153 -3.30 9.34 8.87
N PRO A 154 -2.33 8.98 9.72
CA PRO A 154 -1.31 8.01 9.32
C PRO A 154 -1.89 6.60 9.23
N ILE A 155 -1.74 6.00 8.05
CA ILE A 155 -2.16 4.63 7.87
C ILE A 155 -1.52 3.70 8.90
N GLU A 156 -0.42 4.13 9.52
CA GLU A 156 0.31 3.31 10.49
C GLU A 156 -0.56 2.95 11.68
N ASP A 157 -1.62 3.70 11.89
CA ASP A 157 -2.52 3.43 13.00
C ASP A 157 -3.67 2.51 12.61
N GLN A 158 -3.57 1.82 11.46
CA GLN A 158 -4.74 1.13 10.94
C GLN A 158 -5.25 0.10 11.93
N ARG A 159 -4.36 -0.56 12.67
CA ARG A 159 -4.82 -1.55 13.64
C ARG A 159 -5.68 -0.91 14.74
N GLN A 160 -5.26 0.25 15.27
CA GLN A 160 -6.11 0.92 16.23
C GLN A 160 -7.45 1.31 15.59
N PHE A 161 -7.43 1.71 14.32
CA PHE A 161 -8.65 2.09 13.62
C PHE A 161 -9.64 0.92 13.55
N LYS A 162 -9.15 -0.27 13.23
CA LYS A 162 -10.05 -1.40 13.04
C LYS A 162 -10.62 -1.88 14.38
N ASP A 163 -9.74 -2.03 15.38
CA ASP A 163 -10.19 -2.45 16.72
C ASP A 163 -11.23 -1.49 17.31
N TRP A 164 -11.00 -0.20 17.17
CA TRP A 164 -11.97 0.78 17.64
C TRP A 164 -13.27 0.65 16.86
N SER A 165 -13.16 0.63 15.54
CA SER A 165 -14.35 0.60 14.70
C SER A 165 -15.11 -0.67 14.90
N ASP A 166 -14.40 -1.76 15.16
CA ASP A 166 -15.07 -3.05 15.36
C ASP A 166 -15.93 -3.03 16.63
N ILE A 167 -15.38 -2.50 17.74
CA ILE A 167 -16.16 -2.30 18.96
C ILE A 167 -17.42 -1.48 18.70
N ILE A 168 -17.26 -0.36 17.99
CA ILE A 168 -18.39 0.57 17.85
C ILE A 168 -19.53 -0.09 17.10
N VAL A 169 -19.24 -0.93 16.10
CA VAL A 169 -20.29 -1.58 15.32
C VAL A 169 -20.62 -2.97 15.88
N ALA A 170 -19.94 -3.41 16.95
CA ALA A 170 -20.12 -4.77 17.45
C ALA A 170 -21.51 -4.99 17.98
N GLY A 171 -21.98 -6.22 17.85
CA GLY A 171 -23.21 -6.61 18.49
C GLY A 171 -22.94 -7.54 19.66
N PRO A 172 -23.94 -7.75 20.50
CA PRO A 172 -23.75 -8.62 21.67
C PRO A 172 -24.12 -10.07 21.39
N SER A 173 -23.56 -10.97 22.22
CA SER A 173 -23.90 -12.40 22.12
C SER A 173 -25.38 -12.65 22.40
N ASN A 174 -25.94 -12.02 23.45
CA ASN A 174 -27.33 -12.27 23.84
C ASN A 174 -27.97 -10.97 24.32
N ASN A 175 -29.25 -11.07 24.73
CA ASN A 175 -30.03 -9.91 25.18
C ASN A 175 -30.03 -9.76 26.71
N GLU A 176 -29.16 -10.50 27.41
CA GLU A 176 -29.13 -10.40 28.87
C GLU A 176 -28.73 -8.97 29.29
N ARG A 177 -29.11 -8.59 30.52
CA ARG A 177 -28.78 -7.25 30.99
C ARG A 177 -27.26 -7.09 31.23
N GLU A 178 -26.54 -8.17 31.54
CA GLU A 178 -25.12 -8.09 31.90
C GLU A 178 -24.12 -8.29 30.75
N THR A 179 -24.51 -8.99 29.69
CA THR A 179 -23.69 -9.00 28.48
C THR A 179 -23.81 -7.65 27.77
N LEU A 180 -25.04 -7.19 27.61
CA LEU A 180 -25.35 -5.85 27.18
C LEU A 180 -24.53 -4.81 27.94
N GLU A 181 -24.73 -4.70 29.26
CA GLU A 181 -24.06 -3.66 30.05
C GLU A 181 -22.55 -3.63 29.81
N LYS A 182 -21.91 -4.80 29.62
CA LYS A 182 -20.46 -4.80 29.43
C LYS A 182 -20.07 -4.36 28.02
N LEU A 183 -20.91 -4.59 27.01
CA LEU A 183 -20.58 -4.12 25.66
C LEU A 183 -20.63 -2.60 25.61
N GLN A 184 -21.71 -2.03 26.12
CA GLN A 184 -21.85 -0.59 26.26
C GLN A 184 -20.62 0.05 26.89
N GLN A 185 -20.06 -0.61 27.92
CA GLN A 185 -18.83 -0.12 28.54
C GLN A 185 -17.68 -0.05 27.54
N GLU A 186 -17.50 -1.11 26.76
CA GLU A 186 -16.43 -1.09 25.76
C GLU A 186 -16.66 0.01 24.72
N LYS A 187 -17.91 0.21 24.29
CA LYS A 187 -18.17 1.24 23.30
C LYS A 187 -17.85 2.62 23.85
N MET A 188 -18.17 2.86 25.13
CA MET A 188 -17.87 4.15 25.75
C MET A 188 -16.37 4.40 25.75
N LYS A 189 -15.62 3.41 26.16
CA LYS A 189 -14.18 3.54 26.16
C LYS A 189 -13.65 3.77 24.76
N ALA A 190 -14.28 3.17 23.76
CA ALA A 190 -13.72 3.28 22.41
C ALA A 190 -14.04 4.64 21.81
N ASN A 191 -15.24 5.15 22.07
CA ASN A 191 -15.57 6.54 21.74
C ASN A 191 -14.59 7.52 22.35
N ASP A 192 -14.38 7.38 23.65
CA ASP A 192 -13.48 8.25 24.41
C ASP A 192 -12.07 8.21 23.82
N GLU A 193 -11.56 7.02 23.49
CA GLU A 193 -10.23 6.95 22.88
C GLU A 193 -10.22 7.46 21.43
N LEU A 194 -11.33 7.26 20.68
CA LEU A 194 -11.41 7.79 19.31
C LEU A 194 -11.44 9.30 19.31
N GLU A 195 -12.22 9.86 20.24
CA GLU A 195 -12.24 11.31 20.42
C GLU A 195 -10.86 11.83 20.82
N THR A 196 -10.27 11.23 21.83
CA THR A 196 -8.96 11.68 22.27
C THR A 196 -8.00 11.72 21.09
N TYR A 197 -7.98 10.63 20.31
CA TYR A 197 -7.09 10.53 19.15
C TYR A 197 -7.31 11.67 18.16
N PHE A 198 -8.57 11.93 17.80
CA PHE A 198 -8.81 12.94 16.78
C PHE A 198 -8.64 14.36 17.31
N TYR A 199 -8.98 14.64 18.58
CA TYR A 199 -8.63 15.96 19.11
C TYR A 199 -7.14 16.26 18.94
N ARG A 200 -6.28 15.25 19.13
CA ARG A 200 -4.85 15.45 18.89
C ARG A 200 -4.59 15.78 17.43
N ILE A 201 -5.16 14.99 16.51
CA ILE A 201 -5.02 15.24 15.08
C ILE A 201 -5.45 16.68 14.77
N ILE A 202 -6.54 17.12 15.39
CA ILE A 202 -7.07 18.45 15.07
C ILE A 202 -6.06 19.52 15.43
N GLU A 203 -5.35 19.34 16.55
CA GLU A 203 -4.32 20.31 16.92
C GLU A 203 -3.13 20.27 15.95
N GLU A 204 -2.66 19.06 15.62
CA GLU A 204 -1.61 18.93 14.62
C GLU A 204 -1.96 19.69 13.35
N LYS A 205 -3.22 19.58 12.89
CA LYS A 205 -3.59 20.13 11.59
C LYS A 205 -3.89 21.62 11.64
N ARG A 206 -4.13 22.13 12.84
CA ARG A 206 -4.14 23.58 13.03
C ARG A 206 -2.72 24.14 12.90
N THR A 207 -1.74 23.46 13.53
CA THR A 207 -0.34 23.82 13.41
C THR A 207 0.14 23.75 11.95
N ARG A 208 0.13 22.56 11.35
CA ARG A 208 0.49 22.39 9.94
C ARG A 208 -0.64 21.68 9.19
N PRO A 209 -1.52 22.43 8.53
CA PRO A 209 -2.65 21.79 7.84
C PRO A 209 -2.20 20.94 6.69
N GLY A 210 -3.15 20.26 6.08
CA GLY A 210 -2.85 19.33 5.01
C GLY A 210 -3.97 19.39 4.01
N ASP A 211 -3.85 18.53 3.02
CA ASP A 211 -4.86 18.41 1.98
C ASP A 211 -5.75 17.23 2.32
N ASP A 212 -6.81 17.51 3.09
CA ASP A 212 -7.68 16.47 3.62
C ASP A 212 -8.91 17.17 4.19
N ILE A 213 -9.90 16.38 4.57
CA ILE A 213 -11.15 17.05 4.90
C ILE A 213 -11.18 17.54 6.34
N ILE A 214 -10.26 17.10 7.19
CA ILE A 214 -10.20 17.69 8.52
C ILE A 214 -9.72 19.13 8.41
N SER A 215 -8.68 19.35 7.62
CA SER A 215 -8.22 20.70 7.36
C SER A 215 -9.30 21.52 6.68
N VAL A 216 -9.95 20.99 5.65
CA VAL A 216 -10.98 21.77 4.98
C VAL A 216 -12.01 22.24 5.98
N LEU A 217 -12.39 21.38 6.91
CA LEU A 217 -13.39 21.78 7.90
C LEU A 217 -12.83 22.83 8.85
N LEU A 218 -11.59 22.65 9.29
CA LEU A 218 -10.91 23.63 10.12
C LEU A 218 -10.79 24.97 9.41
N GLN A 219 -10.34 24.96 8.15
CA GLN A 219 -10.34 26.17 7.34
C GLN A 219 -11.73 26.81 7.29
N ALA A 220 -12.79 26.00 7.23
CA ALA A 220 -14.14 26.59 7.20
C ALA A 220 -14.58 27.11 8.55
N LYS A 221 -14.05 26.56 9.66
CA LYS A 221 -14.37 27.11 10.97
C LYS A 221 -13.63 28.41 11.23
N GLU A 222 -12.35 28.48 10.82
CA GLU A 222 -11.62 29.74 10.72
C GLU A 222 -12.53 30.83 10.18
N GLU A 223 -13.14 30.55 9.05
CA GLU A 223 -13.93 31.51 8.29
C GLU A 223 -15.32 31.69 8.83
N GLY A 224 -15.58 31.24 10.07
CA GLY A 224 -16.80 31.58 10.77
C GLY A 224 -18.00 30.71 10.52
N LYS A 225 -17.87 29.64 9.73
CA LYS A 225 -18.95 28.69 9.59
C LYS A 225 -19.21 28.09 10.97
N GLN A 226 -20.49 27.90 11.30
CA GLN A 226 -20.90 27.44 12.63
C GLN A 226 -20.44 26.00 12.85
N LEU A 227 -19.30 25.84 13.51
CA LEU A 227 -18.68 24.53 13.57
C LEU A 227 -17.80 24.44 14.81
N THR A 228 -18.15 23.55 15.73
CA THR A 228 -17.30 23.30 16.88
C THR A 228 -16.30 22.20 16.55
N ASP A 229 -15.18 22.25 17.25
CA ASP A 229 -14.20 21.18 17.13
C ASP A 229 -14.80 19.82 17.48
N GLU A 230 -15.75 19.76 18.40
CA GLU A 230 -16.39 18.47 18.66
C GLU A 230 -17.09 17.97 17.40
N GLU A 231 -17.75 18.87 16.67
CA GLU A 231 -18.43 18.47 15.45
C GLU A 231 -17.46 17.94 14.41
N ILE A 232 -16.28 18.55 14.31
CA ILE A 232 -15.28 18.04 13.38
C ILE A 232 -14.80 16.66 13.81
N VAL A 233 -14.60 16.47 15.12
CA VAL A 233 -14.15 15.17 15.62
C VAL A 233 -15.19 14.11 15.31
N GLY A 234 -16.46 14.43 15.51
CA GLY A 234 -17.50 13.43 15.34
C GLY A 234 -17.60 13.00 13.90
N PHE A 235 -17.58 13.96 12.98
CA PHE A 235 -17.61 13.65 11.57
C PHE A 235 -16.42 12.78 11.19
N SER A 236 -15.25 13.12 11.72
CA SER A 236 -14.06 12.35 11.38
C SER A 236 -14.20 10.91 11.85
N ILE A 237 -14.80 10.72 13.02
CA ILE A 237 -14.96 9.36 13.54
C ILE A 237 -16.00 8.59 12.72
N LEU A 238 -17.07 9.26 12.33
CA LEU A 238 -18.05 8.61 11.47
C LEU A 238 -17.40 8.12 10.18
N LEU A 239 -16.60 9.00 9.53
CA LEU A 239 -15.90 8.62 8.29
C LEU A 239 -14.97 7.46 8.55
N LEU A 240 -14.13 7.58 9.57
CA LEU A 240 -13.21 6.49 9.86
C LEU A 240 -13.95 5.16 10.06
N ILE A 241 -15.05 5.18 10.81
CA ILE A 241 -15.79 3.94 11.03
C ILE A 241 -16.36 3.43 9.70
N ALA A 242 -16.93 4.33 8.88
CA ALA A 242 -17.35 3.93 7.53
C ALA A 242 -16.20 3.35 6.74
N GLY A 243 -15.01 3.87 6.94
CA GLY A 243 -13.86 3.35 6.20
C GLY A 243 -13.38 2.01 6.68
N ASN A 244 -13.89 1.50 7.80
CA ASN A 244 -13.47 0.21 8.30
C ASN A 244 -14.57 -0.85 8.23
N GLU A 245 -15.83 -0.47 7.94
CA GLU A 245 -16.92 -1.36 8.30
C GLU A 245 -18.06 -1.44 7.26
N THR A 246 -17.86 -0.94 6.02
CA THR A 246 -18.91 -0.90 5.02
C THR A 246 -18.41 -1.50 3.69
N THR A 247 -17.57 -0.76 2.95
CA THR A 247 -17.20 -1.17 1.59
C THR A 247 -16.51 -2.51 1.58
N THR A 248 -15.77 -2.82 2.65
CA THR A 248 -15.15 -4.13 2.79
C THR A 248 -16.17 -5.25 2.65
N ASN A 249 -17.36 -5.05 3.20
CA ASN A 249 -18.39 -6.07 3.12
C ASN A 249 -19.08 -6.07 1.77
N LEU A 250 -19.22 -4.92 1.11
CA LEU A 250 -19.75 -4.94 -0.27
C LEU A 250 -18.86 -5.81 -1.16
N ILE A 251 -17.56 -5.61 -1.09
CA ILE A 251 -16.62 -6.30 -1.97
C ILE A 251 -16.60 -7.79 -1.66
N SER A 252 -16.42 -8.13 -0.38
CA SER A 252 -16.39 -9.54 0.00
C SER A 252 -17.75 -10.21 -0.19
N ASN A 253 -18.84 -9.53 0.10
CA ASN A 253 -20.14 -10.13 -0.13
C ASN A 253 -20.39 -10.32 -1.62
N THR A 254 -19.80 -9.45 -2.47
CA THR A 254 -19.93 -9.69 -3.89
C THR A 254 -19.22 -10.98 -4.29
N ILE A 255 -17.96 -11.16 -3.88
CA ILE A 255 -17.25 -12.40 -4.20
C ILE A 255 -18.04 -13.57 -3.67
N TYR A 256 -18.69 -13.40 -2.52
CA TYR A 256 -19.43 -14.51 -1.93
C TYR A 256 -20.57 -14.92 -2.87
N CYS A 257 -21.40 -13.96 -3.28
CA CYS A 257 -22.46 -14.25 -4.24
C CYS A 257 -21.95 -14.89 -5.53
N LEU A 258 -20.75 -14.50 -6.02
CA LEU A 258 -20.29 -15.04 -7.29
C LEU A 258 -19.76 -16.43 -7.12
N MET A 259 -19.13 -16.70 -5.97
CA MET A 259 -18.75 -18.07 -5.67
C MET A 259 -19.97 -18.91 -5.36
N GLU A 260 -21.03 -18.32 -4.82
CA GLU A 260 -22.17 -19.14 -4.47
C GLU A 260 -22.92 -19.60 -5.72
N ASP A 261 -23.04 -18.73 -6.73
CA ASP A 261 -23.74 -19.03 -7.96
C ASP A 261 -22.79 -18.88 -9.14
N LYS A 262 -22.05 -19.95 -9.45
CA LYS A 262 -21.07 -19.87 -10.52
C LYS A 262 -21.69 -19.48 -11.87
N ALA A 263 -23.00 -19.66 -12.06
CA ALA A 263 -23.56 -19.17 -13.33
C ALA A 263 -23.44 -17.65 -13.43
N SER A 264 -23.66 -16.94 -12.32
CA SER A 264 -23.51 -15.49 -12.36
C SER A 264 -22.07 -15.12 -12.62
N PHE A 265 -21.14 -15.85 -12.01
CA PHE A 265 -19.73 -15.57 -12.17
C PHE A 265 -19.32 -15.79 -13.64
N GLU A 266 -19.78 -16.88 -14.26
CA GLU A 266 -19.42 -17.15 -15.65
C GLU A 266 -20.01 -16.10 -16.57
N ARG A 267 -21.25 -15.70 -16.33
CA ARG A 267 -21.81 -14.67 -17.18
C ARG A 267 -21.06 -13.36 -17.00
N LEU A 268 -20.67 -13.05 -15.77
CA LEU A 268 -20.01 -11.78 -15.48
C LEU A 268 -18.66 -11.69 -16.18
N LYS A 269 -17.91 -12.79 -16.19
CA LYS A 269 -16.62 -12.82 -16.88
C LYS A 269 -16.77 -12.58 -18.38
N ARG A 270 -17.83 -13.13 -19.00
CA ARG A 270 -18.13 -12.92 -20.42
C ARG A 270 -18.74 -11.55 -20.72
N GLU A 271 -19.40 -10.90 -19.75
CA GLU A 271 -20.02 -9.59 -19.97
C GLU A 271 -19.57 -8.64 -18.84
N LYS A 272 -18.35 -8.10 -18.95
CA LYS A 272 -17.77 -7.27 -17.91
C LYS A 272 -18.62 -6.03 -17.63
N GLU A 273 -19.31 -5.51 -18.65
CA GLU A 273 -20.15 -4.35 -18.47
C GLU A 273 -21.23 -4.60 -17.41
N LEU A 274 -21.46 -5.85 -17.00
CA LEU A 274 -22.47 -6.15 -16.00
C LEU A 274 -21.98 -5.90 -14.57
N LEU A 275 -20.71 -5.53 -14.37
CA LEU A 275 -20.20 -5.44 -13.00
C LEU A 275 -20.91 -4.36 -12.19
N PRO A 276 -21.05 -3.12 -12.64
CA PRO A 276 -21.82 -2.16 -11.83
C PRO A 276 -23.21 -2.67 -11.47
N SER A 277 -23.92 -3.24 -12.43
CA SER A 277 -25.24 -3.82 -12.14
C SER A 277 -25.13 -4.95 -11.13
N GLY A 278 -24.10 -5.77 -11.23
CA GLY A 278 -23.93 -6.86 -10.29
C GLY A 278 -23.65 -6.35 -8.88
N ILE A 279 -22.92 -5.25 -8.78
CA ILE A 279 -22.65 -4.69 -7.48
C ILE A 279 -23.93 -4.12 -6.89
N GLU A 280 -24.80 -3.53 -7.73
CA GLU A 280 -26.08 -3.06 -7.22
C GLU A 280 -26.93 -4.22 -6.70
N GLU A 281 -26.85 -5.39 -7.34
CA GLU A 281 -27.67 -6.51 -6.88
C GLU A 281 -27.13 -7.09 -5.56
N VAL A 282 -25.81 -7.09 -5.36
CA VAL A 282 -25.24 -7.44 -4.05
C VAL A 282 -25.75 -6.46 -2.98
N LEU A 283 -25.77 -5.15 -3.30
CA LEU A 283 -26.32 -4.18 -2.36
C LEU A 283 -27.74 -4.56 -1.96
N ARG A 284 -28.51 -5.11 -2.89
CA ARG A 284 -29.87 -5.49 -2.56
C ARG A 284 -29.92 -6.78 -1.75
N TYR A 285 -29.09 -7.76 -2.11
CA TYR A 285 -29.25 -9.18 -1.79
C TYR A 285 -28.44 -9.61 -0.58
N ARG A 286 -27.21 -9.09 -0.44
CA ARG A 286 -26.37 -9.27 0.74
C ARG A 286 -25.89 -7.89 1.20
N SER A 287 -26.86 -7.09 1.70
CA SER A 287 -26.64 -5.69 2.01
C SER A 287 -25.61 -5.52 3.13
N PRO A 288 -24.56 -4.73 2.92
CA PRO A 288 -23.60 -4.48 4.02
C PRO A 288 -24.24 -3.92 5.29
N VAL A 289 -25.33 -3.19 5.19
CA VAL A 289 -26.05 -2.69 6.35
C VAL A 289 -27.47 -3.19 6.24
N GLN A 290 -27.88 -4.06 7.17
CA GLN A 290 -29.20 -4.67 7.13
C GLN A 290 -30.30 -3.78 7.67
N ALA A 291 -29.97 -2.81 8.53
CA ALA A 291 -31.01 -2.04 9.19
C ALA A 291 -30.43 -0.80 9.85
N LEU A 292 -31.33 0.06 10.31
CA LEU A 292 -30.94 1.29 10.98
C LEU A 292 -31.82 1.52 12.19
N HIS A 293 -31.62 2.69 12.83
CA HIS A 293 -32.36 3.09 14.03
C HIS A 293 -32.97 4.46 13.84
N ARG A 294 -34.18 4.59 14.36
CA ARG A 294 -34.92 5.83 14.38
C ARG A 294 -35.63 5.91 15.72
N ILE A 295 -36.08 7.10 16.08
CA ILE A 295 -36.89 7.30 17.27
C ILE A 295 -38.14 8.07 16.90
N VAL A 296 -39.29 7.60 17.39
CA VAL A 296 -40.54 8.29 17.13
C VAL A 296 -40.51 9.63 17.85
N LYS A 297 -40.76 10.70 17.12
CA LYS A 297 -40.80 12.05 17.69
C LYS A 297 -42.21 12.41 18.19
N GLU A 298 -43.26 11.84 17.57
CA GLU A 298 -44.65 12.13 17.89
C GLU A 298 -45.45 10.92 17.47
N ASP A 299 -46.55 10.66 18.20
CA ASP A 299 -47.38 9.48 17.92
C ASP A 299 -47.70 9.37 16.42
N VAL A 300 -47.54 8.16 15.87
CA VAL A 300 -47.81 7.94 14.47
C VAL A 300 -48.39 6.56 14.29
N THR A 301 -49.25 6.43 13.28
CA THR A 301 -49.80 5.14 12.87
C THR A 301 -49.09 4.64 11.62
N LEU A 302 -48.70 3.36 11.64
CA LEU A 302 -47.87 2.74 10.60
C LEU A 302 -48.34 1.31 10.46
N ALA A 303 -48.94 0.98 9.31
CA ALA A 303 -49.58 -0.32 9.09
C ALA A 303 -50.45 -0.73 10.26
N GLY A 304 -51.31 0.18 10.69
CA GLY A 304 -52.31 -0.13 11.69
C GLY A 304 -51.77 -0.20 13.10
N LYS A 305 -50.47 -0.02 13.29
CA LYS A 305 -49.85 -0.07 14.61
C LYS A 305 -49.67 1.35 15.13
N LYS A 306 -49.76 1.47 16.46
CA LYS A 306 -49.79 2.77 17.12
C LYS A 306 -48.42 3.02 17.71
N LEU A 307 -47.56 3.71 16.94
CA LEU A 307 -46.22 4.01 17.42
C LEU A 307 -46.30 5.24 18.33
N LYS A 308 -45.58 5.20 19.45
CA LYS A 308 -45.63 6.23 20.49
C LYS A 308 -44.34 7.02 20.53
N ALA A 309 -44.48 8.32 20.77
CA ALA A 309 -43.35 9.21 21.04
C ALA A 309 -42.31 8.55 21.94
N GLY A 310 -41.07 8.55 21.47
CA GLY A 310 -39.96 8.00 22.22
C GLY A 310 -39.67 6.53 21.96
N GLU A 311 -40.55 5.82 21.27
CA GLU A 311 -40.24 4.42 21.01
C GLU A 311 -39.22 4.29 19.90
N HIS A 312 -38.44 3.21 19.96
CA HIS A 312 -37.40 2.94 18.99
C HIS A 312 -37.96 2.13 17.82
N VAL A 313 -37.40 2.38 16.63
CA VAL A 313 -37.87 1.76 15.39
C VAL A 313 -36.67 1.21 14.65
N VAL A 314 -36.81 0.01 14.11
CA VAL A 314 -35.76 -0.64 13.34
C VAL A 314 -36.31 -0.96 11.95
N PRO A 315 -36.00 -0.12 10.96
CA PRO A 315 -36.35 -0.45 9.58
C PRO A 315 -35.27 -1.35 8.97
N TRP A 316 -35.69 -2.53 8.51
CA TRP A 316 -34.82 -3.56 7.98
C TRP A 316 -34.76 -3.44 6.45
N MET A 317 -33.81 -2.65 5.96
CA MET A 317 -33.62 -2.56 4.52
C MET A 317 -33.37 -3.93 3.91
N GLY A 318 -32.59 -4.78 4.60
CA GLY A 318 -32.38 -6.13 4.14
C GLY A 318 -33.67 -6.87 3.80
N SER A 319 -34.74 -6.59 4.53
CA SER A 319 -36.03 -7.22 4.31
C SER A 319 -36.84 -6.50 3.23
N ALA A 320 -36.89 -5.16 3.30
CA ALA A 320 -37.45 -4.38 2.21
C ALA A 320 -36.89 -4.82 0.86
N HIS A 321 -35.60 -5.16 0.81
CA HIS A 321 -34.93 -5.56 -0.43
C HIS A 321 -35.40 -6.90 -0.96
N ARG A 322 -36.08 -7.72 -0.16
CA ARG A 322 -36.69 -8.98 -0.60
C ARG A 322 -38.21 -8.87 -0.75
N ASP A 323 -38.77 -7.67 -0.78
CA ASP A 323 -40.20 -7.52 -0.81
C ASP A 323 -40.70 -7.86 -2.21
N ALA A 324 -41.57 -8.87 -2.32
CA ALA A 324 -41.85 -9.44 -3.64
C ALA A 324 -42.62 -8.47 -4.53
N GLU A 325 -43.42 -7.58 -3.93
CA GLU A 325 -44.14 -6.59 -4.71
C GLU A 325 -43.21 -5.57 -5.38
N TYR A 326 -41.96 -5.39 -4.88
CA TYR A 326 -41.01 -4.48 -5.52
C TYR A 326 -39.88 -5.17 -6.27
N PHE A 327 -39.64 -6.45 -6.04
CA PHE A 327 -38.49 -7.13 -6.61
C PHE A 327 -39.00 -8.51 -7.05
N GLU A 328 -39.28 -8.66 -8.34
CA GLU A 328 -39.73 -9.97 -8.85
C GLU A 328 -38.69 -11.06 -8.58
N ASP A 329 -39.16 -12.20 -8.10
CA ASP A 329 -38.28 -13.26 -7.61
C ASP A 329 -37.26 -12.67 -6.61
N PRO A 330 -37.73 -12.09 -5.52
CA PRO A 330 -36.78 -11.42 -4.59
C PRO A 330 -35.65 -12.31 -4.11
N GLU A 331 -35.89 -13.62 -4.05
CA GLU A 331 -34.95 -14.54 -3.44
C GLU A 331 -33.85 -14.97 -4.41
N VAL A 332 -33.88 -14.48 -5.65
CA VAL A 332 -32.93 -14.91 -6.67
C VAL A 332 -31.95 -13.77 -6.95
N PHE A 333 -30.67 -14.11 -6.91
CA PHE A 333 -29.61 -13.19 -7.31
C PHE A 333 -29.53 -13.11 -8.83
N LYS A 334 -29.79 -11.92 -9.38
CA LYS A 334 -29.80 -11.64 -10.82
C LYS A 334 -28.83 -10.51 -11.10
N ILE A 335 -27.68 -10.80 -11.70
CA ILE A 335 -26.66 -9.74 -11.82
C ILE A 335 -27.15 -8.58 -12.66
N ASP A 336 -28.16 -8.82 -13.51
CA ASP A 336 -28.67 -7.81 -14.43
C ASP A 336 -29.99 -7.21 -13.94
N ARG A 337 -30.25 -7.30 -12.65
CA ARG A 337 -31.59 -6.98 -12.15
C ARG A 337 -32.02 -5.56 -12.50
N LYS A 338 -33.19 -5.46 -13.11
CA LYS A 338 -33.77 -4.19 -13.42
C LYS A 338 -35.27 -4.44 -13.29
N PRO A 339 -36.02 -3.53 -12.63
CA PRO A 339 -35.53 -2.40 -11.83
C PRO A 339 -34.82 -2.88 -10.55
N ASN A 340 -34.01 -2.02 -9.91
CA ASN A 340 -33.43 -2.36 -8.61
C ASN A 340 -33.43 -1.13 -7.69
N VAL A 341 -34.61 -0.76 -7.17
CA VAL A 341 -34.69 0.44 -6.34
C VAL A 341 -34.44 0.07 -4.87
N HIS A 342 -33.22 -0.29 -4.55
CA HIS A 342 -32.91 -0.65 -3.19
C HIS A 342 -32.59 0.60 -2.38
N MET A 343 -32.56 0.42 -1.08
CA MET A 343 -32.23 1.41 -0.07
C MET A 343 -31.02 0.95 0.73
N ALA A 344 -30.05 0.37 0.07
CA ALA A 344 -28.84 -0.09 0.75
C ALA A 344 -28.03 1.05 1.29
N PHE A 345 -28.19 2.25 0.73
CA PHE A 345 -27.50 3.43 1.21
C PHE A 345 -28.45 4.37 1.94
N GLY A 346 -29.64 3.89 2.25
CA GLY A 346 -30.65 4.67 2.92
C GLY A 346 -31.63 5.26 1.95
N ARG A 347 -32.40 6.21 2.46
CA ARG A 347 -33.36 6.99 1.68
C ARG A 347 -33.57 8.32 2.38
N GLY A 348 -33.56 9.41 1.61
CA GLY A 348 -33.90 10.70 2.15
C GLY A 348 -32.69 11.50 2.56
N ILE A 349 -32.90 12.41 3.52
CA ILE A 349 -31.86 13.42 3.80
C ILE A 349 -30.55 12.83 4.31
N HIS A 350 -30.56 11.64 4.96
CA HIS A 350 -29.33 11.00 5.41
C HIS A 350 -28.72 10.02 4.41
N PHE A 351 -29.21 9.95 3.17
CA PHE A 351 -28.66 9.03 2.18
C PHE A 351 -27.14 9.06 2.20
N CYS A 352 -26.54 7.87 2.21
CA CYS A 352 -25.10 7.71 2.42
C CYS A 352 -24.29 8.74 1.64
N LEU A 353 -23.38 9.40 2.36
CA LEU A 353 -22.48 10.37 1.80
C LEU A 353 -21.40 9.72 0.95
N GLY A 354 -20.97 8.53 1.33
CA GLY A 354 -19.90 7.81 0.66
C GLY A 354 -20.37 6.85 -0.41
N ALA A 355 -21.62 6.88 -0.79
CA ALA A 355 -22.12 5.95 -1.81
C ALA A 355 -21.30 6.02 -3.08
N PRO A 356 -21.08 7.20 -3.70
CA PRO A 356 -20.20 7.25 -4.88
C PRO A 356 -18.84 6.67 -4.62
N LEU A 357 -18.25 6.96 -3.46
CA LEU A 357 -16.95 6.39 -3.15
C LEU A 357 -17.03 4.87 -3.02
N ALA A 358 -18.10 4.38 -2.39
CA ALA A 358 -18.22 2.94 -2.17
C ALA A 358 -18.33 2.22 -3.50
N ARG A 359 -19.22 2.72 -4.36
CA ARG A 359 -19.42 2.15 -5.69
C ARG A 359 -18.12 2.08 -6.47
N ILE A 360 -17.29 3.13 -6.40
CA ILE A 360 -16.09 3.11 -7.22
C ILE A 360 -14.99 2.30 -6.56
N GLU A 361 -14.97 2.22 -5.22
CA GLU A 361 -14.00 1.33 -4.58
C GLU A 361 -14.33 -0.11 -4.92
N ALA A 362 -15.60 -0.45 -4.90
CA ALA A 362 -15.98 -1.83 -5.19
C ALA A 362 -15.74 -2.20 -6.66
N LYS A 363 -16.21 -1.38 -7.61
CA LYS A 363 -15.99 -1.64 -9.03
C LYS A 363 -14.52 -1.88 -9.36
N ILE A 364 -13.65 -1.00 -8.87
CA ILE A 364 -12.25 -1.08 -9.30
C ILE A 364 -11.60 -2.34 -8.73
N MET A 365 -11.80 -2.63 -7.45
CA MET A 365 -11.13 -3.81 -6.92
C MET A 365 -11.77 -5.11 -7.43
N LEU A 366 -13.10 -5.12 -7.59
CA LEU A 366 -13.74 -6.35 -8.07
C LEU A 366 -13.35 -6.67 -9.52
N ALA A 367 -13.36 -5.67 -10.39
CA ALA A 367 -12.92 -5.83 -11.79
C ALA A 367 -11.51 -6.38 -11.88
N GLU A 368 -10.60 -5.81 -11.09
CA GLU A 368 -9.23 -6.32 -11.08
C GLU A 368 -9.20 -7.76 -10.61
N LEU A 369 -9.91 -8.06 -9.53
CA LEU A 369 -9.89 -9.42 -8.98
C LEU A 369 -10.34 -10.43 -10.01
N ILE A 370 -11.48 -10.15 -10.66
CA ILE A 370 -12.07 -11.06 -11.64
C ILE A 370 -11.19 -11.20 -12.87
N ASP A 371 -10.58 -10.11 -13.32
CA ASP A 371 -9.68 -10.18 -14.46
C ASP A 371 -8.50 -11.08 -14.17
N ARG A 372 -7.94 -10.99 -12.96
CA ARG A 372 -6.73 -11.72 -12.61
C ARG A 372 -6.98 -13.18 -12.22
N TYR A 373 -8.11 -13.52 -11.60
CA TYR A 373 -8.33 -14.85 -11.05
C TYR A 373 -9.67 -15.42 -11.53
N PRO A 374 -9.86 -15.52 -12.84
CA PRO A 374 -11.14 -16.00 -13.39
C PRO A 374 -11.50 -17.43 -12.94
N GLN A 375 -10.54 -18.22 -12.47
CA GLN A 375 -10.79 -19.56 -11.95
C GLN A 375 -10.82 -19.62 -10.41
N MET A 376 -11.08 -18.49 -9.73
CA MET A 376 -11.11 -18.53 -8.28
C MET A 376 -12.28 -19.39 -7.77
N ASP A 377 -12.11 -19.92 -6.57
CA ASP A 377 -13.12 -20.76 -5.92
C ASP A 377 -12.79 -20.86 -4.44
N TRP A 378 -13.73 -21.38 -3.67
CA TRP A 378 -13.51 -21.50 -2.24
C TRP A 378 -12.22 -22.24 -1.98
N SER A 379 -11.41 -21.69 -1.10
CA SER A 379 -10.26 -22.39 -0.61
C SER A 379 -10.68 -23.66 0.14
N PRO A 380 -9.81 -24.66 0.19
CA PRO A 380 -10.12 -25.82 1.01
C PRO A 380 -10.21 -25.53 2.49
N SER A 381 -9.68 -24.43 2.98
CA SER A 381 -9.84 -24.13 4.39
C SER A 381 -10.91 -23.08 4.64
N PHE A 382 -11.69 -22.74 3.62
CA PHE A 382 -12.78 -21.81 3.81
C PHE A 382 -13.77 -22.30 4.87
N GLU A 383 -14.28 -21.34 5.64
CA GLU A 383 -15.30 -21.57 6.62
C GLU A 383 -16.14 -20.30 6.63
N LEU A 384 -17.45 -20.46 6.83
CA LEU A 384 -18.35 -19.32 6.98
C LEU A 384 -18.18 -18.71 8.37
N LYS A 385 -17.83 -17.43 8.41
CA LYS A 385 -17.55 -16.73 9.67
C LYS A 385 -18.26 -15.39 9.66
N PRO A 386 -19.57 -15.40 9.88
CA PRO A 386 -20.34 -14.16 9.83
C PRO A 386 -19.89 -13.18 10.89
N ILE A 387 -19.97 -11.90 10.53
CA ILE A 387 -19.75 -10.82 11.48
C ILE A 387 -20.81 -10.85 12.59
N GLU A 388 -20.36 -10.63 13.83
CA GLU A 388 -21.24 -10.66 14.99
C GLU A 388 -21.71 -9.23 15.21
N SER A 389 -22.77 -8.90 14.49
CA SER A 389 -23.45 -7.64 14.53
C SER A 389 -24.79 -7.90 13.92
N THR A 390 -25.72 -7.01 14.24
CA THR A 390 -27.07 -7.26 13.80
C THR A 390 -27.39 -6.40 12.57
N PHE A 391 -26.75 -5.22 12.50
CA PHE A 391 -26.86 -4.21 11.45
C PHE A 391 -25.78 -4.39 10.39
N VAL A 392 -24.52 -4.48 10.81
CA VAL A 392 -23.39 -4.71 9.89
C VAL A 392 -23.36 -6.18 9.48
N TYR A 393 -23.38 -6.41 8.18
CA TYR A 393 -23.62 -7.73 7.61
C TYR A 393 -22.51 -8.14 6.63
N GLY A 394 -21.84 -9.23 6.94
CA GLY A 394 -20.64 -9.55 6.18
C GLY A 394 -19.92 -10.69 6.84
N LEU A 395 -18.72 -10.94 6.32
CA LEU A 395 -17.89 -12.08 6.73
C LEU A 395 -16.56 -11.61 7.31
N LYS A 396 -16.10 -12.30 8.34
CA LYS A 396 -14.85 -11.91 8.98
C LYS A 396 -13.66 -12.31 8.17
N GLU A 397 -13.85 -13.23 7.22
CA GLU A 397 -12.82 -13.99 6.55
C GLU A 397 -13.48 -14.59 5.31
N LEU A 398 -12.73 -14.66 4.19
CA LEU A 398 -13.22 -15.24 2.94
C LEU A 398 -12.03 -15.84 2.17
N LEU A 399 -11.70 -17.10 2.52
CA LEU A 399 -10.51 -17.76 2.00
C LEU A 399 -10.81 -18.30 0.60
N ILE A 400 -10.06 -17.80 -0.37
CA ILE A 400 -10.26 -18.10 -1.78
C ILE A 400 -8.99 -18.73 -2.35
N ARG A 401 -9.16 -19.79 -3.13
CA ARG A 401 -8.08 -20.35 -3.93
C ARG A 401 -8.10 -19.70 -5.31
N LYS A 402 -6.97 -19.11 -5.70
CA LYS A 402 -6.84 -18.41 -6.98
C LYS A 402 -6.91 -19.36 -8.16
N ASN A 403 -6.26 -20.51 -8.06
CA ASN A 403 -6.19 -21.46 -9.17
C ASN A 403 -5.44 -20.91 -10.40
N VAL A 404 -4.34 -20.19 -10.20
CA VAL A 404 -3.52 -19.80 -11.34
C VAL A 404 -2.51 -20.90 -11.60
N PHE B 23 13.47 14.48 -0.38
CA PHE B 23 14.32 14.33 -1.58
C PHE B 23 15.44 15.42 -1.73
N ASN B 24 15.72 16.19 -0.67
CA ASN B 24 16.80 17.20 -0.69
C ASN B 24 17.50 17.22 0.67
N PRO B 25 18.41 16.28 0.91
CA PRO B 25 19.35 16.41 2.04
C PRO B 25 20.60 17.20 1.69
N PHE B 26 20.67 17.72 0.47
CA PHE B 26 21.88 18.34 -0.03
C PHE B 26 22.13 19.70 0.62
N SER B 27 21.06 20.34 1.12
CA SER B 27 21.18 21.60 1.85
C SER B 27 21.74 21.37 3.25
N TRP B 28 21.38 20.27 3.89
CA TRP B 28 22.08 19.90 5.11
C TRP B 28 23.56 19.55 4.83
N TYR B 29 23.80 18.68 3.84
CA TYR B 29 25.19 18.31 3.49
C TYR B 29 26.05 19.56 3.33
N GLU B 30 25.61 20.50 2.50
CA GLU B 30 26.38 21.71 2.24
C GLU B 30 26.66 22.47 3.53
N GLU B 31 25.63 22.70 4.37
CA GLU B 31 25.86 23.35 5.65
C GLU B 31 26.95 22.61 6.44
N MET B 32 26.82 21.29 6.56
CA MET B 32 27.80 20.51 7.33
C MET B 32 29.19 20.56 6.68
N ARG B 33 29.29 20.49 5.35
CA ARG B 33 30.62 20.58 4.75
C ARG B 33 31.29 21.91 5.09
N ASN B 34 30.50 22.96 5.24
CA ASN B 34 31.04 24.28 5.40
C ASN B 34 31.30 24.66 6.87
N THR B 35 30.72 23.95 7.85
CA THR B 35 30.86 24.33 9.26
C THR B 35 31.42 23.24 10.16
N ALA B 36 31.19 21.97 9.83
CA ALA B 36 31.54 20.84 10.67
C ALA B 36 31.63 19.59 9.81
N PRO B 37 32.63 19.49 8.95
CA PRO B 37 32.70 18.33 8.06
C PRO B 37 32.83 16.99 8.77
N VAL B 38 33.47 16.93 9.93
CA VAL B 38 33.55 15.71 10.74
C VAL B 38 32.88 16.03 12.07
N GLN B 39 31.67 15.52 12.29
CA GLN B 39 31.04 15.90 13.54
C GLN B 39 30.35 14.74 14.22
N TRP B 40 30.39 14.80 15.56
CA TRP B 40 29.81 13.78 16.41
C TRP B 40 28.33 14.04 16.57
N ASP B 41 27.54 12.97 16.43
CA ASP B 41 26.10 13.00 16.67
C ASP B 41 25.83 12.24 17.97
N GLU B 42 25.52 12.98 19.04
CA GLU B 42 25.34 12.37 20.36
C GLU B 42 24.09 11.49 20.38
N GLU B 43 23.00 11.95 19.78
CA GLU B 43 21.81 11.12 19.71
C GLU B 43 22.11 9.77 19.03
N ARG B 44 22.67 9.79 17.82
CA ARG B 44 22.97 8.54 17.12
C ARG B 44 24.29 7.90 17.54
N GLN B 45 25.15 8.60 18.26
CA GLN B 45 26.45 8.06 18.71
C GLN B 45 27.33 7.62 17.53
N VAL B 46 27.51 8.50 16.56
CA VAL B 46 28.32 8.19 15.39
C VAL B 46 29.01 9.48 15.00
N TRP B 47 30.16 9.34 14.34
CA TRP B 47 30.80 10.42 13.60
C TRP B 47 30.28 10.45 12.18
N ASP B 48 29.67 11.57 11.77
CA ASP B 48 29.33 11.80 10.38
C ASP B 48 30.50 12.48 9.67
N VAL B 49 30.78 12.07 8.43
CA VAL B 49 31.86 12.66 7.64
C VAL B 49 31.28 13.15 6.32
N PHE B 50 31.43 14.44 6.04
CA PHE B 50 30.69 15.01 4.91
C PHE B 50 31.58 15.49 3.77
N HIS B 51 32.86 15.77 4.00
CA HIS B 51 33.71 16.26 2.92
C HIS B 51 34.32 15.08 2.17
N TYR B 52 34.64 15.33 0.91
CA TYR B 52 35.14 14.29 0.02
C TYR B 52 36.39 13.61 0.60
N ASP B 53 37.44 14.38 0.95
CA ASP B 53 38.66 13.75 1.47
C ASP B 53 38.37 12.87 2.68
N GLY B 54 37.44 13.30 3.52
CA GLY B 54 37.12 12.49 4.69
C GLY B 54 36.45 11.18 4.31
N VAL B 55 35.48 11.24 3.38
CA VAL B 55 34.76 10.06 2.93
C VAL B 55 35.72 9.11 2.21
N LYS B 56 36.56 9.65 1.33
CA LYS B 56 37.54 8.84 0.64
C LYS B 56 38.46 8.15 1.64
N GLU B 57 38.99 8.90 2.62
CA GLU B 57 39.82 8.26 3.63
C GLU B 57 39.04 7.18 4.39
N VAL B 58 37.77 7.41 4.74
CA VAL B 58 37.08 6.42 5.55
C VAL B 58 36.83 5.13 4.75
N LEU B 59 36.60 5.23 3.43
CA LEU B 59 36.33 4.03 2.64
C LEU B 59 37.61 3.27 2.29
N GLU B 60 38.69 4.00 1.99
CA GLU B 60 39.95 3.46 1.48
C GLU B 60 40.80 2.85 2.57
N GLN B 61 40.86 3.49 3.74
CA GLN B 61 41.82 3.10 4.78
C GLN B 61 41.23 1.95 5.58
N LYS B 62 41.31 0.76 4.97
CA LYS B 62 40.78 -0.45 5.55
C LYS B 62 41.53 -0.91 6.79
N ASN B 63 42.74 -0.41 7.04
CA ASN B 63 43.46 -0.79 8.24
C ASN B 63 43.08 0.07 9.41
N ILE B 64 42.36 1.16 9.15
CA ILE B 64 41.88 2.03 10.20
C ILE B 64 40.36 2.00 10.32
N PHE B 65 39.63 1.77 9.24
CA PHE B 65 38.18 1.68 9.29
C PHE B 65 37.71 0.30 8.77
N SER B 66 37.14 -0.51 9.68
CA SER B 66 36.61 -1.85 9.44
C SER B 66 35.11 -1.86 9.16
N SER B 67 34.63 -3.01 8.66
CA SER B 67 33.20 -3.25 8.46
C SER B 67 32.43 -3.26 9.78
N ASP B 68 31.14 -3.06 9.67
CA ASP B 68 30.19 -3.23 10.79
C ASP B 68 29.62 -4.65 10.98
N GLY B 81 25.75 -11.36 6.80
CA GLY B 81 26.08 -11.38 8.22
C GLY B 81 27.54 -11.71 8.41
N THR B 82 27.99 -12.67 7.59
CA THR B 82 29.39 -13.05 7.47
C THR B 82 29.85 -12.95 6.01
N SER B 83 29.10 -12.21 5.20
CA SER B 83 29.31 -12.15 3.77
C SER B 83 30.51 -11.26 3.40
N LEU B 84 30.83 -11.30 2.11
CA LEU B 84 31.94 -10.57 1.53
C LEU B 84 31.99 -9.13 2.03
N ILE B 85 30.86 -8.44 1.96
CA ILE B 85 30.84 -7.03 2.26
C ILE B 85 31.10 -6.74 3.75
N ASN B 86 30.94 -7.72 4.65
CA ASN B 86 31.14 -7.54 6.09
C ASN B 86 32.45 -8.09 6.62
N ILE B 87 33.41 -8.50 5.78
CA ILE B 87 34.59 -9.16 6.33
C ILE B 87 35.84 -8.35 6.00
N ASP B 88 36.80 -8.46 6.86
CA ASP B 88 37.96 -7.59 6.82
C ASP B 88 39.12 -8.33 6.20
N PRO B 89 40.20 -7.62 5.86
CA PRO B 89 41.42 -8.33 5.47
C PRO B 89 41.86 -9.19 6.61
N PRO B 90 42.51 -10.33 6.34
CA PRO B 90 42.90 -10.96 5.08
C PRO B 90 41.87 -11.86 4.44
N LYS B 91 40.82 -12.21 5.16
CA LYS B 91 39.81 -13.09 4.58
C LYS B 91 39.12 -12.41 3.40
N HIS B 92 38.95 -11.09 3.43
CA HIS B 92 38.21 -10.43 2.37
C HIS B 92 38.89 -10.59 1.02
N ALA B 93 40.20 -10.50 1.00
CA ALA B 93 40.93 -10.52 -0.26
C ALA B 93 40.74 -11.84 -0.97
N GLU B 94 40.81 -12.95 -0.24
CA GLU B 94 40.60 -14.25 -0.84
C GLU B 94 39.19 -14.38 -1.41
N MET B 95 38.16 -14.09 -0.60
CA MET B 95 36.79 -14.23 -1.09
C MET B 95 36.53 -13.29 -2.26
N ARG B 96 37.17 -12.13 -2.27
CA ARG B 96 36.92 -11.20 -3.36
C ARG B 96 37.61 -11.64 -4.63
N ALA B 97 38.78 -12.28 -4.52
CA ALA B 97 39.47 -12.82 -5.69
C ALA B 97 38.70 -13.98 -6.33
N LEU B 98 38.00 -14.77 -5.53
CA LEU B 98 37.21 -15.86 -6.09
C LEU B 98 35.94 -15.35 -6.79
N VAL B 99 35.20 -14.42 -6.18
CA VAL B 99 33.97 -13.99 -6.81
C VAL B 99 34.24 -13.08 -7.99
N ASN B 100 35.43 -12.46 -8.07
CA ASN B 100 35.75 -11.64 -9.24
C ASN B 100 35.72 -12.46 -10.53
N LYS B 101 35.97 -13.77 -10.45
CA LYS B 101 36.02 -14.59 -11.66
C LYS B 101 34.65 -14.74 -12.30
N ALA B 102 33.60 -14.48 -11.52
CA ALA B 102 32.26 -14.39 -12.06
C ALA B 102 31.97 -13.07 -12.77
N PHE B 103 32.83 -12.05 -12.64
CA PHE B 103 32.50 -10.74 -13.19
C PHE B 103 33.60 -10.23 -14.12
N THR B 104 34.34 -11.13 -14.76
CA THR B 104 35.30 -10.75 -15.80
C THR B 104 34.59 -10.14 -17.00
N PRO B 105 35.32 -9.39 -17.83
CA PRO B 105 34.72 -8.88 -19.07
C PRO B 105 34.16 -9.98 -19.90
N LYS B 106 34.78 -11.15 -19.89
CA LYS B 106 34.25 -12.19 -20.75
C LYS B 106 33.07 -12.86 -20.07
N ALA B 107 33.22 -13.29 -18.80
CA ALA B 107 32.11 -13.92 -18.12
C ALA B 107 30.83 -13.09 -18.23
N MET B 108 30.95 -11.78 -18.47
CA MET B 108 29.79 -10.89 -18.62
C MET B 108 29.46 -10.61 -20.08
N LYS B 109 30.22 -11.16 -21.02
CA LYS B 109 30.02 -10.75 -22.42
C LYS B 109 28.58 -10.97 -22.84
N ALA B 110 28.05 -12.15 -22.51
CA ALA B 110 26.71 -12.58 -22.87
C ALA B 110 25.60 -11.90 -22.09
N TRP B 111 25.92 -11.12 -21.06
CA TRP B 111 24.86 -10.56 -20.23
C TRP B 111 24.08 -9.46 -20.93
N GLU B 112 24.70 -8.73 -21.84
CA GLU B 112 24.00 -7.66 -22.56
C GLU B 112 22.76 -8.15 -23.26
N PRO B 113 22.81 -9.17 -24.12
CA PRO B 113 21.58 -9.60 -24.78
C PRO B 113 20.57 -10.15 -23.83
N LYS B 114 21.02 -10.75 -22.72
CA LYS B 114 20.06 -11.15 -21.70
C LYS B 114 19.36 -9.95 -21.10
N ILE B 115 20.09 -8.85 -20.90
CA ILE B 115 19.46 -7.64 -20.36
C ILE B 115 18.62 -6.96 -21.42
N ALA B 116 19.09 -6.96 -22.65
CA ALA B 116 18.25 -6.46 -23.72
C ALA B 116 16.92 -7.21 -23.76
N ARG B 117 16.97 -8.54 -23.65
CA ARG B 117 15.74 -9.33 -23.79
C ARG B 117 14.74 -8.98 -22.70
N ILE B 118 15.20 -8.99 -21.45
CA ILE B 118 14.32 -8.71 -20.31
C ILE B 118 13.75 -7.29 -20.40
N THR B 119 14.58 -6.33 -20.81
CA THR B 119 14.11 -4.96 -20.97
C THR B 119 12.98 -4.89 -21.98
N ASN B 120 13.22 -5.40 -23.19
CA ASN B 120 12.15 -5.44 -24.19
C ASN B 120 10.93 -6.20 -23.66
N GLU B 121 11.16 -7.31 -22.94
CA GLU B 121 10.07 -8.06 -22.31
C GLU B 121 9.21 -7.18 -21.42
N LEU B 122 9.85 -6.46 -20.49
CA LEU B 122 9.11 -5.60 -19.56
C LEU B 122 8.43 -4.47 -20.31
N LEU B 123 9.12 -3.90 -21.28
CA LEU B 123 8.50 -2.82 -22.06
C LEU B 123 7.30 -3.35 -22.87
N GLN B 124 7.38 -4.57 -23.41
CA GLN B 124 6.29 -5.08 -24.23
C GLN B 124 5.05 -5.40 -23.40
N GLU B 125 5.21 -5.70 -22.11
CA GLU B 125 4.04 -5.95 -21.26
C GLU B 125 3.19 -4.71 -21.02
N VAL B 126 3.72 -3.51 -21.17
CA VAL B 126 2.97 -2.30 -20.86
C VAL B 126 2.81 -1.40 -22.08
N GLU B 127 2.98 -1.96 -23.28
CA GLU B 127 2.82 -1.18 -24.52
C GLU B 127 1.43 -0.57 -24.66
N HIS B 128 0.43 -1.26 -24.11
CA HIS B 128 -0.96 -0.84 -24.22
C HIS B 128 -1.28 0.37 -23.34
N LEU B 129 -0.44 0.68 -22.36
CA LEU B 129 -0.72 1.72 -21.39
C LEU B 129 -0.15 3.07 -21.84
N GLU B 130 -0.94 4.13 -21.67
CA GLU B 130 -0.46 5.48 -21.93
C GLU B 130 0.46 5.97 -20.81
N ASP B 131 0.10 5.65 -19.57
CA ASP B 131 0.85 6.05 -18.39
C ASP B 131 1.45 4.82 -17.75
N ILE B 132 2.72 4.92 -17.34
CA ILE B 132 3.39 3.84 -16.64
C ILE B 132 4.19 4.40 -15.47
N ASP B 133 4.08 3.72 -14.33
CA ASP B 133 5.06 3.78 -13.25
C ASP B 133 6.38 3.12 -13.71
N ILE B 134 7.38 3.94 -14.01
CA ILE B 134 8.74 3.45 -14.28
C ILE B 134 9.19 2.46 -13.23
N VAL B 135 8.84 2.72 -11.99
CA VAL B 135 9.32 1.86 -10.90
C VAL B 135 8.68 0.48 -10.97
N GLU B 136 7.36 0.42 -10.74
CA GLU B 136 6.65 -0.87 -10.75
C GLU B 136 6.93 -1.68 -12.01
N HIS B 137 6.82 -1.07 -13.20
CA HIS B 137 6.88 -1.87 -14.43
C HIS B 137 8.27 -2.07 -14.99
N LEU B 138 9.26 -1.23 -14.68
CA LEU B 138 10.56 -1.35 -15.35
C LEU B 138 11.74 -1.37 -14.39
N SER B 139 11.94 -0.31 -13.61
CA SER B 139 13.17 -0.24 -12.81
C SER B 139 13.16 -1.22 -11.67
N TYR B 140 11.99 -1.48 -11.04
CA TYR B 140 11.96 -2.48 -9.97
C TYR B 140 12.12 -3.89 -10.54
N PRO B 141 11.39 -4.29 -11.58
CA PRO B 141 11.52 -5.67 -12.04
C PRO B 141 12.86 -5.99 -12.63
N LEU B 142 13.48 -5.06 -13.38
CA LEU B 142 14.63 -5.44 -14.21
C LEU B 142 15.77 -6.09 -13.43
N PRO B 143 16.20 -5.56 -12.29
CA PRO B 143 17.41 -6.13 -11.67
C PRO B 143 17.20 -7.49 -11.07
N VAL B 144 16.05 -7.72 -10.46
CA VAL B 144 15.87 -9.03 -9.88
C VAL B 144 15.71 -10.10 -10.98
N MET B 145 15.13 -9.72 -12.13
CA MET B 145 15.00 -10.67 -13.24
C MET B 145 16.34 -10.94 -13.92
N VAL B 146 17.25 -9.97 -13.91
CA VAL B 146 18.56 -10.16 -14.50
C VAL B 146 19.43 -11.04 -13.60
N ILE B 147 19.39 -10.80 -12.29
CA ILE B 147 20.25 -11.57 -11.41
C ILE B 147 19.78 -13.01 -11.37
N ALA B 148 18.46 -13.23 -11.34
CA ALA B 148 17.92 -14.59 -11.45
C ALA B 148 18.47 -15.29 -12.68
N ASP B 149 18.43 -14.62 -13.82
CA ASP B 149 18.88 -15.25 -15.06
C ASP B 149 20.38 -15.54 -15.05
N ILE B 150 21.21 -14.59 -14.58
CA ILE B 150 22.65 -14.82 -14.63
C ILE B 150 23.13 -15.68 -13.46
N LEU B 151 22.35 -15.84 -12.39
CA LEU B 151 22.76 -16.75 -11.33
C LEU B 151 22.57 -18.21 -11.74
N GLY B 152 21.57 -18.51 -12.57
CA GLY B 152 21.36 -19.87 -13.00
C GLY B 152 19.95 -20.33 -12.72
N VAL B 153 19.12 -19.48 -12.12
CA VAL B 153 17.74 -19.85 -11.83
C VAL B 153 17.02 -20.29 -13.10
N PRO B 154 16.52 -21.51 -13.17
CA PRO B 154 15.70 -21.91 -14.31
C PRO B 154 14.50 -20.99 -14.50
N ILE B 155 14.12 -20.79 -15.76
CA ILE B 155 12.93 -20.02 -16.13
C ILE B 155 11.73 -20.37 -15.24
N GLU B 156 11.55 -21.66 -14.93
CA GLU B 156 10.37 -22.16 -14.23
C GLU B 156 10.19 -21.52 -12.85
N ASP B 157 11.28 -21.46 -12.09
CA ASP B 157 11.27 -20.97 -10.72
C ASP B 157 11.35 -19.44 -10.63
N GLN B 158 11.42 -18.74 -11.76
CA GLN B 158 11.79 -17.34 -11.69
C GLN B 158 10.72 -16.50 -10.99
N ARG B 159 9.44 -16.81 -11.20
CA ARG B 159 8.38 -16.09 -10.51
C ARG B 159 8.47 -16.27 -9.00
N GLN B 160 8.62 -17.53 -8.54
CA GLN B 160 8.82 -17.81 -7.12
C GLN B 160 10.03 -17.06 -6.59
N PHE B 161 11.20 -17.28 -7.19
CA PHE B 161 12.43 -16.59 -6.82
C PHE B 161 12.20 -15.09 -6.65
N LYS B 162 11.55 -14.44 -7.63
CA LYS B 162 11.30 -13.02 -7.50
C LYS B 162 10.42 -12.70 -6.29
N ASP B 163 9.43 -13.57 -6.01
CA ASP B 163 8.56 -13.39 -4.85
C ASP B 163 9.33 -13.57 -3.55
N TRP B 164 10.42 -14.35 -3.56
CA TRP B 164 11.31 -14.44 -2.40
C TRP B 164 12.12 -13.16 -2.26
N SER B 165 12.76 -12.73 -3.36
CA SER B 165 13.60 -11.55 -3.33
C SER B 165 12.81 -10.33 -2.84
N ASP B 166 11.52 -10.27 -3.13
CA ASP B 166 10.72 -9.13 -2.70
C ASP B 166 10.73 -8.99 -1.19
N ILE B 167 10.36 -10.07 -0.49
CA ILE B 167 10.37 -10.10 0.97
C ILE B 167 11.70 -9.59 1.48
N ILE B 168 12.78 -10.26 1.07
CA ILE B 168 14.10 -10.02 1.61
C ILE B 168 14.44 -8.53 1.60
N VAL B 169 14.12 -7.84 0.51
CA VAL B 169 14.38 -6.41 0.41
C VAL B 169 13.19 -5.63 0.97
N LEU B 180 5.18 -5.68 13.39
CA LEU B 180 6.62 -5.70 13.17
C LEU B 180 7.17 -7.11 13.22
N GLU B 181 6.77 -7.86 14.24
CA GLU B 181 7.18 -9.26 14.36
C GLU B 181 6.69 -10.07 13.17
N LYS B 182 5.55 -9.71 12.61
CA LYS B 182 5.06 -10.37 11.40
C LYS B 182 6.04 -10.23 10.24
N LEU B 183 6.68 -9.06 10.12
CA LEU B 183 7.64 -8.83 9.04
C LEU B 183 8.97 -9.51 9.32
N GLN B 184 9.57 -9.22 10.48
CA GLN B 184 10.82 -9.88 10.84
C GLN B 184 10.70 -11.37 10.64
N GLN B 185 9.50 -11.91 10.77
CA GLN B 185 9.32 -13.36 10.71
C GLN B 185 9.15 -13.84 9.29
N GLU B 186 8.48 -13.03 8.46
CA GLU B 186 8.37 -13.33 7.04
C GLU B 186 9.76 -13.37 6.39
N LYS B 187 10.62 -12.40 6.70
CA LYS B 187 11.94 -12.37 6.08
C LYS B 187 12.75 -13.61 6.46
N MET B 188 12.68 -14.02 7.72
CA MET B 188 13.44 -15.18 8.15
C MET B 188 13.05 -16.42 7.36
N LYS B 189 11.77 -16.56 7.07
CA LYS B 189 11.31 -17.69 6.27
C LYS B 189 11.83 -17.57 4.84
N ALA B 190 11.60 -16.41 4.22
CA ALA B 190 12.08 -16.14 2.87
C ALA B 190 13.57 -16.40 2.73
N ASN B 191 14.37 -15.92 3.67
CA ASN B 191 15.80 -16.18 3.59
C ASN B 191 16.05 -17.69 3.60
N ASP B 192 15.38 -18.41 4.49
CA ASP B 192 15.65 -19.83 4.64
C ASP B 192 15.25 -20.61 3.39
N GLU B 193 14.26 -20.14 2.68
CA GLU B 193 13.80 -20.80 1.47
C GLU B 193 14.58 -20.41 0.24
N LEU B 194 15.26 -19.25 0.24
CA LEU B 194 16.25 -18.96 -0.79
C LEU B 194 17.52 -19.76 -0.55
N GLU B 195 17.95 -19.87 0.70
CA GLU B 195 19.11 -20.67 0.99
C GLU B 195 18.90 -22.09 0.53
N THR B 196 17.77 -22.69 0.92
CA THR B 196 17.46 -24.04 0.48
C THR B 196 17.50 -24.08 -1.04
N TYR B 197 16.86 -23.11 -1.68
CA TYR B 197 16.78 -23.13 -3.13
C TYR B 197 18.16 -23.04 -3.78
N PHE B 198 18.99 -22.07 -3.35
CA PHE B 198 20.32 -21.96 -3.95
C PHE B 198 21.09 -23.26 -3.76
N TYR B 199 20.94 -23.91 -2.61
CA TYR B 199 21.65 -25.17 -2.38
C TYR B 199 21.29 -26.19 -3.45
N ARG B 200 20.02 -26.23 -3.84
CA ARG B 200 19.60 -27.15 -4.91
C ARG B 200 20.26 -26.76 -6.22
N ILE B 201 20.25 -25.48 -6.56
CA ILE B 201 20.88 -25.00 -7.79
C ILE B 201 22.36 -25.37 -7.82
N ILE B 202 23.07 -25.12 -6.72
CA ILE B 202 24.47 -25.53 -6.66
C ILE B 202 24.62 -26.99 -7.06
N GLU B 203 23.74 -27.88 -6.59
CA GLU B 203 23.90 -29.31 -6.88
C GLU B 203 23.56 -29.61 -8.33
N GLU B 204 22.51 -28.98 -8.87
CA GLU B 204 22.19 -29.12 -10.27
C GLU B 204 23.36 -28.67 -11.16
N LYS B 205 24.06 -27.58 -10.78
CA LYS B 205 25.20 -27.09 -11.56
C LYS B 205 26.46 -27.89 -11.28
N ARG B 206 26.47 -28.59 -10.16
CA ARG B 206 27.59 -29.47 -9.86
C ARG B 206 27.62 -30.67 -10.80
N THR B 207 26.45 -31.20 -11.15
CA THR B 207 26.38 -32.30 -12.10
C THR B 207 26.42 -31.77 -13.54
N ARG B 208 25.53 -30.84 -13.87
CA ARG B 208 25.46 -30.25 -15.21
C ARG B 208 25.70 -28.75 -15.16
N PRO B 209 26.94 -28.30 -15.31
CA PRO B 209 27.23 -26.87 -15.20
C PRO B 209 26.77 -26.09 -16.42
N GLY B 210 26.71 -24.76 -16.25
CA GLY B 210 26.30 -23.84 -17.30
C GLY B 210 27.23 -22.63 -17.41
N ASP B 211 26.73 -21.52 -17.96
CA ASP B 211 27.46 -20.25 -18.04
C ASP B 211 27.20 -19.34 -16.85
N ASP B 212 26.31 -19.76 -15.96
CA ASP B 212 25.81 -18.94 -14.89
C ASP B 212 26.89 -18.66 -13.83
N ILE B 213 26.61 -17.68 -12.98
CA ILE B 213 27.54 -17.31 -11.92
C ILE B 213 27.84 -18.52 -11.05
N ILE B 214 26.79 -19.20 -10.60
CA ILE B 214 26.94 -20.28 -9.62
C ILE B 214 27.85 -21.37 -10.16
N SER B 215 27.72 -21.69 -11.46
CA SER B 215 28.63 -22.64 -12.10
C SER B 215 30.05 -22.12 -12.08
N VAL B 216 30.25 -20.82 -12.38
CA VAL B 216 31.59 -20.24 -12.39
C VAL B 216 32.19 -20.24 -10.99
N LEU B 217 31.37 -20.04 -9.97
CA LEU B 217 31.88 -20.01 -8.62
C LEU B 217 32.35 -21.38 -8.16
N LEU B 218 31.68 -22.46 -8.60
CA LEU B 218 32.13 -23.81 -8.29
C LEU B 218 33.49 -24.12 -8.90
N GLN B 219 33.79 -23.58 -10.09
CA GLN B 219 35.11 -23.75 -10.71
C GLN B 219 36.19 -22.90 -10.07
N ALA B 220 35.83 -21.73 -9.56
CA ALA B 220 36.83 -20.71 -9.26
C ALA B 220 37.87 -21.22 -8.27
N LYS B 221 39.13 -20.96 -8.56
CA LYS B 221 40.23 -21.35 -7.70
C LYS B 221 41.20 -20.19 -7.54
N GLU B 222 41.62 -19.95 -6.29
CA GLU B 222 42.73 -19.06 -5.94
C GLU B 222 43.66 -19.87 -5.04
N GLU B 223 44.79 -20.30 -5.61
CA GLU B 223 45.81 -21.08 -4.90
C GLU B 223 45.19 -22.22 -4.10
N GLY B 224 44.41 -23.04 -4.82
CA GLY B 224 43.83 -24.27 -4.31
C GLY B 224 42.58 -24.09 -3.48
N LYS B 225 42.31 -22.86 -3.03
CA LYS B 225 41.15 -22.59 -2.21
C LYS B 225 39.94 -22.28 -3.07
N GLN B 226 38.76 -22.66 -2.58
CA GLN B 226 37.51 -22.49 -3.29
C GLN B 226 36.43 -22.06 -2.32
N LEU B 227 35.39 -21.45 -2.88
CA LEU B 227 34.23 -21.14 -2.07
C LEU B 227 33.57 -22.44 -1.63
N THR B 228 33.08 -22.44 -0.40
CA THR B 228 32.24 -23.52 0.07
C THR B 228 30.82 -23.28 -0.44
N ASP B 229 29.97 -24.28 -0.26
CA ASP B 229 28.59 -24.10 -0.69
C ASP B 229 27.88 -23.08 0.18
N GLU B 230 28.28 -22.95 1.44
CA GLU B 230 27.63 -21.95 2.28
C GLU B 230 28.02 -20.56 1.82
N GLU B 231 29.29 -20.36 1.51
CA GLU B 231 29.75 -19.08 1.01
C GLU B 231 29.00 -18.70 -0.28
N ILE B 232 28.92 -19.64 -1.24
CA ILE B 232 28.26 -19.38 -2.51
C ILE B 232 26.83 -18.96 -2.30
N VAL B 233 26.16 -19.54 -1.31
CA VAL B 233 24.76 -19.24 -1.11
C VAL B 233 24.61 -17.87 -0.48
N GLY B 234 25.40 -17.60 0.55
CA GLY B 234 25.39 -16.28 1.16
C GLY B 234 25.75 -15.17 0.18
N PHE B 235 26.70 -15.46 -0.72
CA PHE B 235 27.07 -14.51 -1.77
C PHE B 235 25.94 -14.28 -2.75
N SER B 236 25.24 -15.35 -3.14
CA SER B 236 24.14 -15.20 -4.08
C SER B 236 23.03 -14.37 -3.48
N ILE B 237 22.77 -14.54 -2.19
CA ILE B 237 21.78 -13.70 -1.54
C ILE B 237 22.28 -12.26 -1.51
N LEU B 238 23.57 -12.09 -1.26
CA LEU B 238 24.15 -10.77 -1.19
C LEU B 238 23.95 -10.02 -2.50
N LEU B 239 24.09 -10.70 -3.64
CA LEU B 239 23.86 -10.03 -4.91
C LEU B 239 22.46 -9.45 -4.98
N LEU B 240 21.47 -10.16 -4.43
CA LEU B 240 20.12 -9.61 -4.36
C LEU B 240 20.04 -8.37 -3.46
N ILE B 241 20.51 -8.49 -2.23
CA ILE B 241 20.41 -7.39 -1.26
C ILE B 241 21.12 -6.15 -1.81
N ALA B 242 22.36 -6.30 -2.27
CA ALA B 242 23.27 -5.23 -2.68
C ALA B 242 22.94 -4.63 -4.06
N GLY B 243 22.40 -5.43 -4.97
CA GLY B 243 22.29 -4.99 -6.34
C GLY B 243 20.91 -4.64 -6.83
N ASN B 244 19.84 -5.14 -6.20
CA ASN B 244 18.49 -4.96 -6.74
C ASN B 244 18.01 -3.52 -6.55
N GLU B 245 17.90 -3.08 -5.29
CA GLU B 245 17.23 -1.81 -5.02
C GLU B 245 18.07 -0.64 -5.51
N THR B 246 19.39 -0.74 -5.34
CA THR B 246 20.32 0.26 -5.80
C THR B 246 20.21 0.47 -7.30
N THR B 247 20.29 -0.64 -8.06
CA THR B 247 20.13 -0.55 -9.51
C THR B 247 18.75 -0.03 -9.87
N THR B 248 17.70 -0.53 -9.21
CA THR B 248 16.36 0.06 -9.40
C THR B 248 16.43 1.56 -9.18
N ASN B 249 17.00 1.99 -8.05
CA ASN B 249 16.97 3.43 -7.77
C ASN B 249 17.81 4.23 -8.79
N LEU B 250 18.95 3.69 -9.25
CA LEU B 250 19.70 4.39 -10.30
C LEU B 250 18.82 4.70 -11.50
N ILE B 251 17.97 3.76 -11.92
CA ILE B 251 17.23 3.94 -13.16
C ILE B 251 16.09 4.91 -12.93
N SER B 252 15.34 4.73 -11.82
CA SER B 252 14.33 5.70 -11.43
C SER B 252 14.93 7.09 -11.34
N ASN B 253 16.06 7.21 -10.62
CA ASN B 253 16.62 8.53 -10.37
C ASN B 253 17.07 9.20 -11.65
N THR B 254 17.52 8.40 -12.62
CA THR B 254 17.94 8.95 -13.89
C THR B 254 16.75 9.51 -14.66
N ILE B 255 15.68 8.72 -14.76
CA ILE B 255 14.49 9.20 -15.44
C ILE B 255 14.03 10.50 -14.79
N TYR B 256 14.02 10.54 -13.47
CA TYR B 256 13.61 11.76 -12.77
C TYR B 256 14.46 12.95 -13.18
N CYS B 257 15.76 12.77 -13.29
CA CYS B 257 16.63 13.89 -13.64
C CYS B 257 16.34 14.38 -15.03
N LEU B 258 16.19 13.46 -15.98
CA LEU B 258 15.85 13.85 -17.35
C LEU B 258 14.50 14.56 -17.42
N MET B 259 13.52 14.12 -16.63
CA MET B 259 12.22 14.81 -16.64
C MET B 259 12.30 16.19 -15.97
N GLU B 260 13.26 16.38 -15.06
CA GLU B 260 13.38 17.65 -14.34
C GLU B 260 14.06 18.72 -15.19
N ASP B 261 15.04 18.31 -15.98
CA ASP B 261 15.83 19.17 -16.84
C ASP B 261 15.63 18.67 -18.25
N LYS B 262 14.54 19.12 -18.88
CA LYS B 262 14.23 18.64 -20.24
C LYS B 262 15.32 19.04 -21.24
N ALA B 263 16.03 20.13 -20.97
CA ALA B 263 17.19 20.48 -21.78
C ALA B 263 18.16 19.30 -21.86
N SER B 264 18.40 18.63 -20.73
CA SER B 264 19.32 17.48 -20.72
C SER B 264 18.68 16.29 -21.41
N PHE B 265 17.41 16.07 -21.19
CA PHE B 265 16.71 14.99 -21.86
C PHE B 265 16.85 15.15 -23.37
N GLU B 266 16.69 16.39 -23.86
CA GLU B 266 16.78 16.64 -25.30
C GLU B 266 18.18 16.39 -25.82
N ARG B 267 19.20 16.86 -25.11
CA ARG B 267 20.56 16.62 -25.55
C ARG B 267 20.83 15.13 -25.74
N LEU B 268 20.41 14.31 -24.78
CA LEU B 268 20.67 12.88 -24.82
C LEU B 268 19.96 12.22 -25.98
N LYS B 269 18.73 12.63 -26.24
CA LYS B 269 18.05 12.15 -27.43
C LYS B 269 18.85 12.49 -28.70
N ARG B 270 19.40 13.71 -28.79
CA ARG B 270 20.16 14.09 -29.99
C ARG B 270 21.59 13.59 -29.99
N GLU B 271 22.11 13.10 -28.84
CA GLU B 271 23.53 12.77 -28.68
C GLU B 271 23.58 11.48 -27.86
N LYS B 272 23.41 10.34 -28.52
CA LYS B 272 23.15 9.12 -27.76
C LYS B 272 24.39 8.63 -27.02
N GLU B 273 25.58 8.96 -27.55
CA GLU B 273 26.85 8.66 -26.89
C GLU B 273 26.94 9.21 -25.46
N LEU B 274 26.17 10.23 -25.12
CA LEU B 274 26.26 10.83 -23.79
C LEU B 274 25.64 9.98 -22.70
N LEU B 275 24.88 8.93 -23.02
CA LEU B 275 24.10 8.27 -21.97
C LEU B 275 24.98 7.73 -20.85
N PRO B 276 26.08 7.06 -21.12
CA PRO B 276 26.92 6.59 -20.00
C PRO B 276 27.38 7.72 -19.11
N SER B 277 27.96 8.77 -19.70
CA SER B 277 28.32 9.98 -18.95
C SER B 277 27.18 10.48 -18.08
N GLY B 278 25.97 10.54 -18.65
CA GLY B 278 24.83 11.00 -17.89
C GLY B 278 24.50 10.09 -16.71
N ILE B 279 24.60 8.77 -16.90
CA ILE B 279 24.37 7.83 -15.80
C ILE B 279 25.40 8.07 -14.68
N GLU B 280 26.65 8.37 -15.05
CA GLU B 280 27.65 8.73 -14.05
C GLU B 280 27.25 9.97 -13.27
N GLU B 281 26.72 10.99 -13.96
CA GLU B 281 26.28 12.16 -13.22
C GLU B 281 25.12 11.85 -12.29
N VAL B 282 24.20 10.97 -12.71
CA VAL B 282 23.12 10.58 -11.82
C VAL B 282 23.69 9.89 -10.59
N LEU B 283 24.70 9.03 -10.79
CA LEU B 283 25.35 8.38 -9.65
C LEU B 283 25.99 9.40 -8.68
N ARG B 284 26.52 10.52 -9.19
CA ARG B 284 27.05 11.57 -8.33
C ARG B 284 25.94 12.41 -7.73
N TYR B 285 25.00 12.88 -8.56
CA TYR B 285 24.06 13.91 -8.18
C TYR B 285 22.92 13.36 -7.33
N ARG B 286 22.46 12.13 -7.62
CA ARG B 286 21.34 11.52 -6.95
C ARG B 286 21.68 10.05 -6.67
N SER B 287 22.59 9.85 -5.73
CA SER B 287 23.27 8.59 -5.57
C SER B 287 22.34 7.60 -4.89
N PRO B 288 22.13 6.42 -5.47
CA PRO B 288 21.29 5.42 -4.79
C PRO B 288 21.72 5.16 -3.35
N VAL B 289 23.00 5.07 -3.06
CA VAL B 289 23.49 4.87 -1.70
C VAL B 289 24.13 6.20 -1.23
N GLN B 290 23.53 6.82 -0.23
CA GLN B 290 24.01 8.10 0.27
C GLN B 290 25.11 7.98 1.32
N ALA B 291 25.17 6.85 2.03
CA ALA B 291 26.09 6.67 3.16
C ALA B 291 26.30 5.19 3.40
N LEU B 292 27.37 4.90 4.14
CA LEU B 292 27.77 3.55 4.52
C LEU B 292 28.13 3.55 6.02
N HIS B 293 28.54 2.40 6.52
CA HIS B 293 28.94 2.29 7.93
C HIS B 293 30.34 1.74 7.99
N ARG B 294 31.08 2.27 8.94
CA ARG B 294 32.37 1.73 9.33
C ARG B 294 32.48 1.85 10.84
N ILE B 295 33.50 1.17 11.36
CA ILE B 295 33.87 1.20 12.77
C ILE B 295 35.35 1.47 12.85
N VAL B 296 35.77 2.33 13.78
CA VAL B 296 37.21 2.61 13.92
C VAL B 296 37.92 1.38 14.45
N LYS B 297 38.98 0.95 13.78
CA LYS B 297 39.81 -0.17 14.25
C LYS B 297 40.95 0.30 15.14
N GLU B 298 41.48 1.49 14.89
CA GLU B 298 42.51 2.05 15.76
C GLU B 298 42.45 3.56 15.61
N ASP B 299 42.89 4.27 16.65
CA ASP B 299 42.72 5.72 16.69
C ASP B 299 43.35 6.41 15.46
N VAL B 300 42.68 7.45 14.97
CA VAL B 300 43.11 8.21 13.81
C VAL B 300 42.53 9.61 13.97
N THR B 301 43.16 10.59 13.33
CA THR B 301 42.67 11.97 13.31
C THR B 301 42.15 12.39 11.93
N LEU B 302 40.94 12.95 11.91
CA LEU B 302 40.23 13.28 10.68
C LEU B 302 39.63 14.67 10.78
N ALA B 303 40.13 15.61 9.98
CA ALA B 303 39.67 16.99 10.04
C ALA B 303 39.81 17.57 11.45
N GLY B 304 40.93 17.31 12.10
CA GLY B 304 41.15 17.81 13.47
C GLY B 304 40.49 17.01 14.58
N LYS B 305 39.67 15.99 14.26
CA LYS B 305 38.94 15.22 15.26
C LYS B 305 39.58 13.87 15.53
N LYS B 306 39.94 13.61 16.78
CA LYS B 306 40.38 12.27 17.13
C LYS B 306 39.20 11.31 17.15
N LEU B 307 39.24 10.32 16.29
CA LEU B 307 38.32 9.21 16.31
C LEU B 307 38.96 8.08 17.11
N LYS B 308 38.13 7.33 17.85
CA LYS B 308 38.67 6.34 18.77
C LYS B 308 38.24 4.94 18.40
N ALA B 309 39.14 4.01 18.70
CA ALA B 309 38.84 2.61 18.45
C ALA B 309 37.47 2.25 19.04
N GLY B 310 36.64 1.64 18.20
CA GLY B 310 35.31 1.17 18.56
C GLY B 310 34.18 2.11 18.23
N GLU B 311 34.46 3.37 17.92
CA GLU B 311 33.44 4.33 17.55
C GLU B 311 32.95 4.09 16.12
N HIS B 312 31.70 4.49 15.89
CA HIS B 312 31.06 4.26 14.62
C HIS B 312 31.19 5.48 13.74
N VAL B 313 31.36 5.26 12.44
CA VAL B 313 31.56 6.33 11.49
C VAL B 313 30.59 6.13 10.32
N VAL B 314 29.98 7.22 9.89
CA VAL B 314 29.06 7.23 8.76
C VAL B 314 29.60 8.23 7.74
N PRO B 315 30.26 7.76 6.68
CA PRO B 315 30.66 8.66 5.61
C PRO B 315 29.52 8.86 4.64
N TRP B 316 29.26 10.12 4.26
CA TRP B 316 28.14 10.47 3.38
C TRP B 316 28.66 10.76 1.97
N MET B 317 28.65 9.72 1.13
CA MET B 317 29.05 9.92 -0.27
C MET B 317 28.16 10.95 -0.95
N GLY B 318 26.85 10.93 -0.66
CA GLY B 318 25.96 11.93 -1.22
C GLY B 318 26.46 13.34 -0.99
N SER B 319 27.13 13.58 0.13
CA SER B 319 27.71 14.87 0.45
C SER B 319 29.07 15.05 -0.23
N ALA B 320 29.92 14.03 -0.19
CA ALA B 320 31.20 14.14 -0.87
C ALA B 320 30.99 14.48 -2.33
N HIS B 321 29.92 13.98 -2.93
CA HIS B 321 29.68 14.24 -4.33
C HIS B 321 29.31 15.68 -4.63
N ARG B 322 29.12 16.52 -3.63
CA ARG B 322 28.86 17.94 -3.83
C ARG B 322 29.99 18.81 -3.29
N ASP B 323 31.15 18.22 -3.06
CA ASP B 323 32.31 18.94 -2.54
C ASP B 323 32.91 19.75 -3.69
N ALA B 324 33.01 21.07 -3.47
CA ALA B 324 33.37 21.98 -4.54
C ALA B 324 34.80 21.79 -5.01
N GLU B 325 35.66 21.18 -4.20
CA GLU B 325 37.03 20.93 -4.65
C GLU B 325 37.16 19.73 -5.58
N TYR B 326 36.13 18.91 -5.73
CA TYR B 326 36.18 17.82 -6.69
C TYR B 326 35.22 18.03 -7.85
N PHE B 327 34.26 18.94 -7.71
CA PHE B 327 33.13 18.98 -8.61
C PHE B 327 32.69 20.44 -8.79
N GLU B 328 33.21 21.07 -9.83
CA GLU B 328 32.89 22.46 -10.11
C GLU B 328 31.38 22.65 -10.26
N ASP B 329 30.85 23.68 -9.60
CA ASP B 329 29.44 23.98 -9.58
C ASP B 329 28.73 22.76 -9.00
N PRO B 330 29.07 22.37 -7.76
CA PRO B 330 28.61 21.06 -7.29
C PRO B 330 27.12 20.86 -7.39
N GLU B 331 26.30 21.88 -7.12
CA GLU B 331 24.86 21.64 -7.05
C GLU B 331 24.17 21.65 -8.45
N VAL B 332 24.92 21.67 -9.54
CA VAL B 332 24.39 21.75 -10.91
C VAL B 332 24.47 20.38 -11.56
N PHE B 333 23.37 19.95 -12.20
CA PHE B 333 23.34 18.71 -12.94
C PHE B 333 23.90 18.97 -14.33
N LYS B 334 24.90 18.19 -14.73
CA LYS B 334 25.58 18.34 -16.02
C LYS B 334 25.73 16.96 -16.65
N ILE B 335 24.99 16.66 -17.74
CA ILE B 335 25.01 15.29 -18.27
C ILE B 335 26.36 14.95 -18.82
N ASP B 336 27.16 15.94 -19.19
CA ASP B 336 28.51 15.70 -19.69
C ASP B 336 29.58 16.03 -18.67
N ARG B 337 29.25 16.03 -17.35
CA ARG B 337 30.24 16.42 -16.35
C ARG B 337 31.56 15.67 -16.48
N LYS B 338 32.65 16.46 -16.45
CA LYS B 338 34.06 16.00 -16.47
C LYS B 338 34.92 17.01 -15.66
N PRO B 339 35.82 16.52 -14.77
CA PRO B 339 35.89 15.09 -14.45
C PRO B 339 34.69 14.71 -13.57
N ASN B 340 34.56 13.43 -13.21
CA ASN B 340 33.46 12.97 -12.36
C ASN B 340 33.94 11.77 -11.54
N VAL B 341 34.75 12.07 -10.51
CA VAL B 341 35.40 11.00 -9.75
C VAL B 341 34.55 10.73 -8.51
N HIS B 342 33.32 10.22 -8.72
CA HIS B 342 32.41 9.98 -7.62
C HIS B 342 32.74 8.65 -6.96
N MET B 343 32.20 8.47 -5.77
CA MET B 343 32.34 7.24 -4.99
C MET B 343 30.97 6.61 -4.73
N ALA B 344 30.08 6.65 -5.73
CA ALA B 344 28.76 6.03 -5.62
C ALA B 344 28.86 4.53 -5.40
N PHE B 345 29.88 3.88 -5.98
CA PHE B 345 30.12 2.47 -5.79
C PHE B 345 31.15 2.21 -4.70
N GLY B 346 31.40 3.19 -3.86
CA GLY B 346 32.40 2.98 -2.86
C GLY B 346 33.78 3.34 -3.36
N ARG B 347 34.77 2.92 -2.57
CA ARG B 347 36.16 3.08 -2.92
C ARG B 347 37.04 2.16 -2.09
N GLY B 348 38.07 1.62 -2.73
CA GLY B 348 38.97 0.67 -2.09
C GLY B 348 38.57 -0.79 -2.22
N ILE B 349 38.93 -1.61 -1.23
CA ILE B 349 38.80 -3.05 -1.36
C ILE B 349 37.34 -3.49 -1.49
N HIS B 350 36.39 -2.78 -0.90
CA HIS B 350 34.99 -3.20 -0.99
C HIS B 350 34.26 -2.58 -2.18
N PHE B 351 34.97 -1.84 -3.06
CA PHE B 351 34.36 -1.25 -4.24
C PHE B 351 33.39 -2.19 -4.97
N CYS B 352 32.26 -1.64 -5.38
CA CYS B 352 31.14 -2.43 -5.89
C CYS B 352 31.59 -3.47 -6.91
N LEU B 353 31.41 -4.74 -6.57
CA LEU B 353 31.59 -5.83 -7.53
C LEU B 353 30.66 -5.68 -8.74
N GLY B 354 29.48 -5.12 -8.52
CA GLY B 354 28.44 -5.10 -9.52
C GLY B 354 28.44 -3.88 -10.40
N ALA B 355 29.43 -2.99 -10.24
CA ALA B 355 29.35 -1.70 -10.91
C ALA B 355 29.16 -1.86 -12.42
N PRO B 356 29.94 -2.68 -13.13
CA PRO B 356 29.68 -2.88 -14.57
C PRO B 356 28.27 -3.31 -14.87
N LEU B 357 27.72 -4.19 -14.03
CA LEU B 357 26.39 -4.73 -14.27
C LEU B 357 25.34 -3.66 -14.09
N ALA B 358 25.41 -2.93 -12.97
CA ALA B 358 24.50 -1.80 -12.78
C ALA B 358 24.61 -0.78 -13.90
N ARG B 359 25.82 -0.45 -14.31
CA ARG B 359 26.05 0.49 -15.35
C ARG B 359 25.39 0.01 -16.64
N ILE B 360 25.51 -1.26 -16.95
CA ILE B 360 24.95 -1.85 -18.15
C ILE B 360 23.42 -2.01 -18.10
N GLU B 361 22.89 -2.42 -16.96
CA GLU B 361 21.43 -2.49 -16.81
C GLU B 361 20.82 -1.10 -16.98
N ALA B 362 21.39 -0.10 -16.33
CA ALA B 362 20.86 1.25 -16.49
C ALA B 362 20.94 1.70 -17.94
N LYS B 363 22.09 1.49 -18.58
CA LYS B 363 22.25 2.01 -19.93
C LYS B 363 21.26 1.35 -20.89
N ILE B 364 21.03 0.05 -20.75
CA ILE B 364 20.19 -0.65 -21.73
C ILE B 364 18.72 -0.25 -21.55
N MET B 365 18.26 -0.22 -20.30
CA MET B 365 16.87 0.16 -20.04
C MET B 365 16.60 1.61 -20.41
N LEU B 366 17.51 2.50 -20.06
CA LEU B 366 17.28 3.92 -20.35
C LEU B 366 17.40 4.21 -21.83
N ALA B 367 18.43 3.66 -22.48
CA ALA B 367 18.55 3.84 -23.92
C ALA B 367 17.27 3.41 -24.62
N GLU B 368 16.65 2.33 -24.18
CA GLU B 368 15.50 1.85 -24.92
C GLU B 368 14.28 2.72 -24.62
N LEU B 369 14.12 3.14 -23.36
CA LEU B 369 13.06 4.09 -23.02
C LEU B 369 13.17 5.38 -23.81
N ILE B 370 14.37 5.96 -23.82
CA ILE B 370 14.58 7.19 -24.58
C ILE B 370 14.23 6.99 -26.05
N ASP B 371 14.49 5.79 -26.59
CA ASP B 371 14.27 5.57 -28.01
C ASP B 371 12.80 5.37 -28.31
N ARG B 372 12.09 4.60 -27.47
CA ARG B 372 10.68 4.35 -27.71
C ARG B 372 9.84 5.60 -27.45
N TYR B 373 10.17 6.35 -26.39
CA TYR B 373 9.28 7.35 -25.81
C TYR B 373 9.95 8.71 -25.77
N PRO B 374 10.31 9.26 -26.94
CA PRO B 374 11.04 10.55 -26.94
C PRO B 374 10.24 11.71 -26.36
N GLN B 375 8.92 11.66 -26.33
CA GLN B 375 8.12 12.76 -25.81
C GLN B 375 7.63 12.51 -24.38
N MET B 376 8.30 11.64 -23.63
CA MET B 376 7.92 11.45 -22.23
C MET B 376 7.83 12.79 -21.51
N ASP B 377 6.92 12.84 -20.55
CA ASP B 377 6.86 13.93 -19.59
C ASP B 377 6.22 13.36 -18.32
N TRP B 378 6.13 14.17 -17.27
CA TRP B 378 5.43 13.71 -16.09
C TRP B 378 3.99 13.36 -16.44
N SER B 379 3.48 12.34 -15.79
CA SER B 379 2.06 12.07 -15.89
C SER B 379 1.28 13.12 -15.09
N PRO B 380 0.14 13.61 -15.60
CA PRO B 380 -0.61 14.60 -14.83
C PRO B 380 -0.96 14.08 -13.43
N SER B 381 -0.99 12.76 -13.24
CA SER B 381 -1.18 12.17 -11.91
C SER B 381 0.13 12.01 -11.14
N PHE B 382 1.22 12.63 -11.58
CA PHE B 382 2.49 12.38 -10.95
C PHE B 382 2.53 13.02 -9.58
N GLU B 383 3.02 12.28 -8.60
CA GLU B 383 3.40 12.80 -7.31
C GLU B 383 4.82 12.34 -7.03
N LEU B 384 5.61 13.21 -6.41
CA LEU B 384 6.90 12.81 -5.85
C LEU B 384 6.68 11.93 -4.64
N LYS B 385 7.27 10.74 -4.62
CA LYS B 385 7.14 9.82 -3.48
C LYS B 385 8.51 9.28 -3.10
N PRO B 386 9.32 10.07 -2.39
CA PRO B 386 10.66 9.61 -2.02
C PRO B 386 10.60 8.38 -1.14
N ILE B 387 11.49 7.43 -1.40
CA ILE B 387 11.74 6.37 -0.42
C ILE B 387 12.07 7.04 0.91
N GLU B 388 11.67 6.41 2.02
CA GLU B 388 11.81 6.97 3.37
C GLU B 388 13.05 6.40 4.03
N SER B 389 14.13 7.16 3.99
CA SER B 389 15.42 6.72 4.50
C SER B 389 16.43 7.78 4.16
N THR B 390 17.44 7.91 5.00
CA THR B 390 18.49 8.87 4.74
C THR B 390 19.64 8.27 3.96
N PHE B 391 19.79 6.93 4.02
CA PHE B 391 20.83 6.17 3.34
C PHE B 391 20.42 5.76 1.92
N VAL B 392 19.16 5.32 1.74
CA VAL B 392 18.63 4.94 0.44
C VAL B 392 18.00 6.17 -0.24
N TYR B 393 18.43 6.46 -1.46
CA TYR B 393 17.94 7.64 -2.16
C TYR B 393 17.23 7.23 -3.46
N GLY B 394 15.91 7.20 -3.43
CA GLY B 394 15.16 6.79 -4.61
C GLY B 394 13.71 7.18 -4.54
N LEU B 395 12.92 6.56 -5.42
CA LEU B 395 11.51 6.88 -5.58
C LEU B 395 10.68 5.62 -5.40
N LYS B 396 9.60 5.73 -4.61
CA LYS B 396 8.69 4.59 -4.48
C LYS B 396 7.90 4.41 -5.76
N GLU B 397 7.63 5.50 -6.44
CA GLU B 397 6.82 5.51 -7.65
C GLU B 397 7.34 6.64 -8.53
N LEU B 398 7.16 6.46 -9.84
CA LEU B 398 7.52 7.50 -10.80
C LEU B 398 6.58 7.39 -12.01
N LEU B 399 5.61 8.30 -12.09
CA LEU B 399 4.51 8.20 -13.07
C LEU B 399 4.80 9.01 -14.31
N ILE B 400 4.90 8.32 -15.45
CA ILE B 400 5.30 8.91 -16.72
C ILE B 400 4.20 8.69 -17.76
N ARG B 401 4.00 9.68 -18.61
CA ARG B 401 3.13 9.57 -19.78
C ARG B 401 3.99 9.50 -21.02
N LYS B 402 3.70 8.51 -21.89
CA LYS B 402 4.61 8.23 -23.00
C LYS B 402 4.45 9.23 -24.14
N ASN B 403 3.22 9.57 -24.50
CA ASN B 403 2.92 10.44 -25.64
C ASN B 403 3.46 9.89 -26.96
N VAL B 404 3.11 8.66 -27.30
CA VAL B 404 3.29 8.22 -28.68
C VAL B 404 2.00 8.55 -29.42
CHA HEM C . -24.99 7.17 5.82
CHB HEM C . -24.55 2.62 4.11
CHC HEM C . -20.01 3.46 2.72
CHD HEM C . -20.28 7.69 4.98
C1A HEM C . -25.27 5.86 5.44
C2A HEM C . -26.58 5.26 5.51
C3A HEM C . -26.46 4.01 5.04
C4A HEM C . -25.07 3.78 4.66
CMA HEM C . -27.63 2.99 4.94
CAA HEM C . -27.87 5.93 6.03
CBA HEM C . -27.77 6.05 7.56
CGA HEM C . -29.06 6.46 8.23
O1A HEM C . -30.04 6.85 7.54
O2A HEM C . -29.07 6.37 9.49
C1B HEM C . -23.32 2.47 3.52
C2B HEM C . -22.90 1.34 2.71
C3B HEM C . -21.63 1.58 2.34
C4B HEM C . -21.23 2.86 2.91
CMB HEM C . -23.81 0.11 2.40
CAB HEM C . -20.65 0.81 1.49
CBB HEM C . -21.02 -0.16 0.65
C1C HEM C . -19.68 4.71 3.18
C2C HEM C . -18.43 5.39 2.95
C3C HEM C . -18.54 6.55 3.60
C4C HEM C . -19.84 6.62 4.25
CMC HEM C . -17.25 4.80 2.11
CAC HEM C . -17.57 7.72 3.73
CBC HEM C . -16.31 7.69 3.35
C1D HEM C . -21.56 7.91 5.40
C2D HEM C . -22.00 9.08 6.15
C3D HEM C . -23.30 8.95 6.38
C4D HEM C . -23.73 7.69 5.80
CMD HEM C . -21.08 10.26 6.55
CAD HEM C . -24.23 9.93 7.13
CBD HEM C . -24.91 10.89 6.16
CGD HEM C . -25.96 11.70 6.85
O1D HEM C . -26.30 12.78 6.31
O2D HEM C . -26.48 11.32 7.92
NA HEM C . -24.35 4.94 4.91
NB HEM C . -22.29 3.37 3.64
NC HEM C . -20.53 5.48 3.95
ND HEM C . -22.64 7.08 5.20
FE HEM C . -22.42 5.20 4.41
C1 TES D . -23.35 2.03 8.61
C2 TES D . -23.55 3.35 7.87
C3 TES D . -22.21 4.09 7.67
O3 TES D . -21.86 4.45 6.60
C4 TES D . -21.35 4.31 8.95
C5 TES D . -21.79 3.49 10.14
C6 TES D . -21.11 3.58 11.61
C7 TES D . -22.26 3.62 12.71
C8 TES D . -23.07 2.34 12.55
C9 TES D . -23.77 2.15 11.07
C10 TES D . -22.67 2.20 9.97
C11 TES D . -24.68 0.90 10.99
C12 TES D . -25.73 0.72 12.28
C13 TES D . -24.94 0.80 13.58
C14 TES D . -24.08 2.14 13.70
C15 TES D . -23.55 2.19 15.22
C16 TES D . -24.71 1.51 16.09
C17 TES D . -25.71 0.65 15.03
O17 TES D . -25.80 -0.55 15.30
C18 TES D . -23.96 -0.42 13.52
C19 TES D . -21.75 0.97 10.07
CHA HEM E . 29.54 -3.06 -2.73
CHB HEM E . 26.79 0.64 -4.34
CHC HEM E . 24.68 -2.36 -7.59
CHD HEM E . 27.10 -6.06 -5.66
C1A HEM E . 29.03 -1.77 -2.90
C2A HEM E . 29.46 -0.58 -2.21
C3A HEM E . 28.69 0.43 -2.66
C4A HEM E . 27.75 -0.08 -3.63
CMA HEM E . 28.77 1.90 -2.26
CAA HEM E . 30.59 -0.52 -1.19
CBA HEM E . 30.05 -0.93 0.20
CGA HEM E . 31.07 -0.65 1.28
O1A HEM E . 32.22 -0.27 0.95
O2A HEM E . 30.75 -0.80 2.47
C1B HEM E . 26.01 0.17 -5.41
C2B HEM E . 25.17 0.98 -6.27
C3B HEM E . 24.59 0.13 -7.13
C4B HEM E . 25.05 -1.22 -6.85
CMB HEM E . 25.02 2.53 -6.16
CAB HEM E . 23.61 0.36 -8.31
CBB HEM E . 23.65 1.45 -9.08
C1C HEM E . 25.17 -3.64 -7.44
C2C HEM E . 24.90 -4.84 -8.25
C3C HEM E . 25.58 -5.85 -7.66
C4C HEM E . 26.31 -5.33 -6.52
CMC HEM E . 23.99 -4.91 -9.51
CAC HEM E . 25.73 -7.32 -8.02
CBC HEM E . 24.91 -7.98 -8.84
C1D HEM E . 27.93 -5.58 -4.68
C2D HEM E . 28.81 -6.37 -3.84
C3D HEM E . 29.47 -5.54 -3.04
C4D HEM E . 29.04 -4.20 -3.35
CMD HEM E . 28.96 -7.91 -3.86
CAD HEM E . 30.53 -5.94 -1.97
CBD HEM E . 31.93 -6.13 -2.58
CGD HEM E . 32.99 -6.30 -1.51
O1D HEM E . 34.19 -6.65 -1.82
O2D HEM E . 32.62 -6.13 -0.31
NA HEM E . 28.00 -1.42 -3.74
NB HEM E . 25.92 -1.16 -5.78
NC HEM E . 26.03 -3.99 -6.41
ND HEM E . 28.10 -4.25 -4.36
FE HEM E . 27.19 -2.76 -5.25
#